data_6J8Q
#
_entry.id   6J8Q
#
_cell.length_a   165.159
_cell.length_b   165.159
_cell.length_c   94.895
_cell.angle_alpha   90.000
_cell.angle_beta   90.000
_cell.angle_gamma   120.000
#
_symmetry.space_group_name_H-M   'P 3 2 1'
#
loop_
_entity.id
_entity.type
_entity.pdbx_description
1 polymer 'Serine Beta-Lactamase KPC-2'
2 non-polymer '[[(2S)-2-methyl-3-sulfanyl-propanoyl]amino]methylboronic acid'
3 non-polymer DI(HYDROXYETHYL)ETHER
4 non-polymer 'ACETIC ACID'
5 non-polymer 'SULFATE ION'
6 water water
#
_entity_poly.entity_id   1
_entity_poly.type   'polypeptide(L)'
_entity_poly.pdbx_seq_one_letter_code
;STNLVAEPFAKLEQDFGGSIGVYAMDTGSGATVSYRAEERFPLCSSFKGFLAAAVLARSQQQAGLLDTPIRYGKNALVPW
SPISEKYLTTGMTVAELSAAAVQYSDNAAANLLLKELGGPAGLTAFMRSIGDTTFRLDRWELELNSAIPGDARDTSSPRA
VTESLQKLTLGSALAAPQRQQFVDWLKGNTTGNHRIRAAVPADWAVGDKTGTCGVYGTANDYAVVWPTGRAPIVLAVYTR
APNKDDKHSEAVIAAAARLALEGLG
;
_entity_poly.pdbx_strand_id   A,B,C,D
#
loop_
_chem_comp.id
_chem_comp.type
_chem_comp.name
_chem_comp.formula
ACY non-polymer 'ACETIC ACID' 'C2 H4 O2'
BHU non-polymer '[[(2S)-2-methyl-3-sulfanyl-propanoyl]amino]methylboronic acid' 'C5 H12 B N O3 S'
PEG non-polymer DI(HYDROXYETHYL)ETHER 'C4 H10 O3'
SO4 non-polymer 'SULFATE ION' 'O4 S -2'
#
# COMPACT_ATOMS: atom_id res chain seq x y z
N SER A 1 3.03 5.42 -7.84
CA SER A 1 2.01 5.09 -6.85
C SER A 1 1.25 3.81 -7.24
N THR A 2 1.05 2.89 -6.30
CA THR A 2 0.13 1.75 -6.47
C THR A 2 -0.75 1.59 -5.25
N ASN A 3 -1.57 0.55 -5.33
CA ASN A 3 -2.57 0.24 -4.33
C ASN A 3 -2.99 -1.19 -4.61
N LEU A 4 -2.61 -2.13 -3.77
CA LEU A 4 -2.98 -3.51 -3.94
C LEU A 4 -4.27 -3.85 -3.23
N VAL A 5 -4.95 -2.87 -2.66
CA VAL A 5 -6.31 -3.14 -2.21
C VAL A 5 -7.18 -1.97 -2.71
N ALA A 6 -7.32 -1.94 -4.02
CA ALA A 6 -7.97 -0.87 -4.77
C ALA A 6 -9.45 -1.14 -5.02
N GLU A 7 -9.92 -2.36 -4.77
CA GLU A 7 -11.27 -2.72 -5.19
C GLU A 7 -12.36 -1.88 -4.53
N PRO A 8 -12.24 -1.46 -3.28
CA PRO A 8 -13.26 -0.54 -2.71
C PRO A 8 -13.37 0.78 -3.46
N PHE A 9 -12.25 1.33 -3.88
CA PHE A 9 -12.28 2.53 -4.70
C PHE A 9 -12.91 2.24 -6.05
N ALA A 10 -12.52 1.11 -6.66
CA ALA A 10 -13.01 0.79 -7.99
C ALA A 10 -14.52 0.62 -7.97
N LYS A 11 -15.05 0.07 -6.88
CA LYS A 11 -16.49 -0.15 -6.76
C LYS A 11 -17.23 1.16 -6.53
N LEU A 12 -16.68 2.01 -5.69
CA LEU A 12 -17.24 3.36 -5.51
C LEU A 12 -17.24 4.13 -6.83
N GLU A 13 -16.14 4.05 -7.57
CA GLU A 13 -16.05 4.71 -8.86
C GLU A 13 -17.10 4.17 -9.82
N GLN A 14 -17.27 2.85 -9.90
CA GLN A 14 -18.28 2.31 -10.80
C GLN A 14 -19.67 2.81 -10.42
N ASP A 15 -19.97 2.86 -9.12
CA ASP A 15 -21.28 3.34 -8.68
C ASP A 15 -21.46 4.82 -8.99
N PHE A 16 -20.40 5.62 -8.85
CA PHE A 16 -20.46 7.03 -9.21
C PHE A 16 -20.75 7.22 -10.70
N GLY A 17 -20.07 6.47 -11.56
CA GLY A 17 -20.24 6.60 -12.99
C GLY A 17 -19.14 7.37 -13.68
N GLY A 18 -18.24 7.97 -12.91
CA GLY A 18 -17.17 8.76 -13.44
C GLY A 18 -15.81 8.27 -13.05
N SER A 19 -14.90 9.20 -12.82
CA SER A 19 -13.56 8.91 -12.38
C SER A 19 -13.34 9.57 -11.03
N ILE A 20 -12.67 8.84 -10.15
CA ILE A 20 -12.28 9.30 -8.83
C ILE A 20 -10.77 9.26 -8.74
N GLY A 21 -10.21 10.26 -8.10
CA GLY A 21 -8.77 10.40 -7.93
C GLY A 21 -8.46 10.69 -6.48
N VAL A 22 -7.67 9.84 -5.84
CA VAL A 22 -7.35 9.97 -4.43
C VAL A 22 -5.84 9.85 -4.23
N TYR A 23 -5.30 10.72 -3.37
CA TYR A 23 -3.98 10.49 -2.78
C TYR A 23 -4.00 11.00 -1.34
N ALA A 24 -3.51 10.17 -0.43
CA ALA A 24 -3.43 10.53 0.98
C ALA A 24 -2.12 10.02 1.55
N MET A 25 -1.52 10.83 2.42
CA MET A 25 -0.24 10.51 3.06
C MET A 25 -0.35 10.78 4.55
N ASP A 26 0.12 9.83 5.34
CA ASP A 26 0.34 10.04 6.76
C ASP A 26 1.76 10.58 6.90
N THR A 27 1.89 11.85 7.31
CA THR A 27 3.21 12.45 7.32
C THR A 27 4.07 11.94 8.48
N GLY A 28 3.47 11.24 9.44
CA GLY A 28 4.23 10.59 10.50
C GLY A 28 4.89 9.31 10.04
N SER A 29 4.16 8.48 9.29
CA SER A 29 4.64 7.15 8.96
C SER A 29 5.12 7.01 7.53
N GLY A 30 4.75 7.94 6.64
CA GLY A 30 5.02 7.79 5.25
C GLY A 30 4.08 6.88 4.51
N ALA A 31 3.08 6.31 5.18
CA ALA A 31 2.08 5.51 4.48
C ALA A 31 1.26 6.39 3.54
N THR A 32 0.90 5.82 2.39
CA THR A 32 0.04 6.53 1.46
C THR A 32 -1.05 5.59 0.92
N VAL A 33 -2.10 6.22 0.40
CA VAL A 33 -3.21 5.56 -0.27
C VAL A 33 -3.39 6.27 -1.62
N SER A 34 -3.52 5.49 -2.70
CA SER A 34 -3.52 5.97 -4.08
C SER A 34 -4.66 5.34 -4.87
N TYR A 35 -5.34 6.15 -5.70
CA TYR A 35 -6.23 5.63 -6.72
C TYR A 35 -6.34 6.71 -7.80
N ARG A 36 -5.85 6.40 -9.00
CA ARG A 36 -5.74 7.43 -10.06
C ARG A 36 -4.98 8.66 -9.56
N ALA A 37 -4.02 8.43 -8.66
CA ALA A 37 -3.32 9.54 -8.03
C ALA A 37 -2.44 10.31 -9.02
N GLU A 38 -2.08 9.69 -10.13
CA GLU A 38 -1.21 10.28 -11.14
C GLU A 38 -1.94 10.81 -12.36
N GLU A 39 -3.26 10.69 -12.39
CA GLU A 39 -4.09 11.06 -13.52
C GLU A 39 -4.56 12.50 -13.35
N ARG A 40 -4.70 13.22 -14.47
CA ARG A 40 -5.08 14.63 -14.44
C ARG A 40 -6.57 14.80 -14.22
N PHE A 41 -6.95 15.72 -13.32
CA PHE A 41 -8.31 16.17 -13.05
C PHE A 41 -8.38 17.69 -13.06
N PRO A 42 -9.51 18.28 -13.43
CA PRO A 42 -9.63 19.75 -13.36
C PRO A 42 -9.48 20.25 -11.94
N LEU A 43 -8.76 21.35 -11.81
CA LEU A 43 -8.58 21.97 -10.50
C LEU A 43 -9.88 22.59 -9.99
N CYS A 44 -10.66 23.19 -10.88
CA CYS A 44 -11.79 24.03 -10.51
C CYS A 44 -11.28 25.01 -9.45
N SER A 45 -12.08 25.33 -8.46
CA SER A 45 -11.65 26.36 -7.50
C SER A 45 -10.55 25.92 -6.55
N SER A 46 -10.12 24.64 -6.57
CA SER A 46 -9.09 24.23 -5.65
C SER A 46 -7.78 24.97 -5.91
N PHE A 47 -7.60 25.58 -7.09
CA PHE A 47 -6.39 26.36 -7.33
C PHE A 47 -6.29 27.55 -6.38
N LYS A 48 -7.42 27.98 -5.81
CA LYS A 48 -7.45 29.20 -4.99
C LYS A 48 -6.64 29.02 -3.70
N GLY A 49 -6.54 27.80 -3.19
CA GLY A 49 -5.66 27.56 -2.06
C GLY A 49 -4.20 27.86 -2.37
N PHE A 50 -3.72 27.31 -3.50
CA PHE A 50 -2.36 27.55 -3.94
C PHE A 50 -2.14 29.00 -4.31
N LEU A 51 -3.17 29.67 -4.81
CA LEU A 51 -3.11 31.09 -5.07
C LEU A 51 -2.82 31.86 -3.78
N ALA A 52 -3.56 31.58 -2.73
CA ALA A 52 -3.31 32.24 -1.47
C ALA A 52 -1.88 31.96 -0.97
N ALA A 53 -1.40 30.73 -1.14
CA ALA A 53 -0.04 30.41 -0.72
C ALA A 53 0.96 31.19 -1.55
N ALA A 54 0.69 31.36 -2.83
CA ALA A 54 1.59 32.13 -3.69
C ALA A 54 1.63 33.57 -3.25
N VAL A 55 0.47 34.11 -2.83
CA VAL A 55 0.42 35.47 -2.32
C VAL A 55 1.26 35.57 -1.05
N LEU A 56 1.10 34.60 -0.15
CA LEU A 56 1.87 34.59 1.08
C LEU A 56 3.36 34.52 0.78
N ALA A 57 3.74 33.70 -0.21
CA ALA A 57 5.16 33.62 -0.58
C ALA A 57 5.67 34.99 -1.05
N ARG A 58 4.91 35.66 -1.90
CA ARG A 58 5.31 36.99 -2.35
C ARG A 58 5.41 37.95 -1.18
N SER A 59 4.52 37.81 -0.20
CA SER A 59 4.57 38.70 0.97
C SER A 59 5.87 38.58 1.72
N GLN A 60 6.59 37.47 1.56
CA GLN A 60 7.89 37.33 2.18
C GLN A 60 8.93 38.25 1.55
N GLN A 61 8.70 38.70 0.33
CA GLN A 61 9.61 39.60 -0.38
C GLN A 61 9.13 41.03 -0.46
N GLN A 62 7.82 41.27 -0.41
CA GLN A 62 7.26 42.62 -0.45
C GLN A 62 6.59 42.87 0.88
N ALA A 63 7.24 43.65 1.73
CA ALA A 63 6.60 44.07 2.97
C ALA A 63 5.35 44.87 2.64
N GLY A 64 4.32 44.70 3.45
CA GLY A 64 3.08 45.41 3.28
C GLY A 64 2.13 44.84 2.25
N LEU A 65 2.52 43.81 1.49
CA LEU A 65 1.64 43.29 0.44
C LEU A 65 0.28 42.91 1.00
N LEU A 66 0.27 42.14 2.09
CA LEU A 66 -0.98 41.60 2.61
C LEU A 66 -1.95 42.69 3.07
N ASP A 67 -1.43 43.82 3.52
CA ASP A 67 -2.25 44.92 4.02
C ASP A 67 -2.62 45.91 2.93
N THR A 68 -2.14 45.71 1.70
CA THR A 68 -2.43 46.63 0.63
C THR A 68 -3.92 46.61 0.28
N PRO A 69 -4.62 47.73 0.37
CA PRO A 69 -6.01 47.75 -0.06
C PRO A 69 -6.14 47.73 -1.58
N ILE A 70 -7.18 47.07 -2.07
CA ILE A 70 -7.52 47.07 -3.49
C ILE A 70 -8.96 47.57 -3.64
N ARG A 71 -9.12 48.68 -4.35
CA ARG A 71 -10.43 49.27 -4.59
C ARG A 71 -10.85 48.82 -5.99
N TYR A 72 -11.50 47.67 -6.05
CA TYR A 72 -11.87 47.05 -7.32
C TYR A 72 -13.24 47.57 -7.76
N GLY A 73 -13.51 47.41 -9.05
CA GLY A 73 -14.75 47.87 -9.65
C GLY A 73 -15.81 46.79 -9.72
N LYS A 74 -17.04 47.25 -9.98
CA LYS A 74 -18.18 46.36 -10.17
C LYS A 74 -17.95 45.32 -11.25
N ASN A 75 -17.24 45.64 -12.31
CA ASN A 75 -17.10 44.62 -13.33
C ASN A 75 -15.97 43.65 -13.03
N ALA A 76 -15.39 43.70 -11.83
CA ALA A 76 -14.60 42.59 -11.33
C ALA A 76 -15.46 41.46 -10.79
N LEU A 77 -16.74 41.73 -10.50
CA LEU A 77 -17.63 40.80 -9.79
C LEU A 77 -18.25 39.77 -10.73
N VAL A 78 -17.57 38.66 -10.92
CA VAL A 78 -18.12 37.54 -11.68
C VAL A 78 -19.05 36.73 -10.78
N PRO A 79 -19.91 35.90 -11.36
CA PRO A 79 -20.84 35.14 -10.55
C PRO A 79 -20.14 34.33 -9.47
N TRP A 80 -20.82 34.22 -8.32
CA TRP A 80 -20.32 33.63 -7.08
C TRP A 80 -19.04 34.33 -6.61
N SER A 81 -19.24 35.55 -6.12
CA SER A 81 -18.20 36.37 -5.49
C SER A 81 -18.82 36.99 -4.25
N PRO A 82 -19.21 36.16 -3.27
CA PRO A 82 -20.07 36.68 -2.19
C PRO A 82 -19.40 37.68 -1.26
N ILE A 83 -18.11 37.53 -0.98
CA ILE A 83 -17.42 38.48 -0.12
C ILE A 83 -17.08 39.75 -0.89
N SER A 84 -16.48 39.59 -2.08
CA SER A 84 -16.15 40.72 -2.95
C SER A 84 -17.39 41.58 -3.22
N GLU A 85 -18.53 40.95 -3.42
CA GLU A 85 -19.75 41.71 -3.62
C GLU A 85 -20.15 42.46 -2.36
N LYS A 86 -20.07 41.80 -1.21
CA LYS A 86 -20.45 42.43 0.04
C LYS A 86 -19.60 43.66 0.33
N TYR A 87 -18.31 43.60 0.02
CA TYR A 87 -17.35 44.63 0.34
C TYR A 87 -17.00 45.52 -0.84
N LEU A 88 -17.81 45.47 -1.91
CA LEU A 88 -17.52 46.27 -3.09
C LEU A 88 -17.32 47.75 -2.75
N THR A 89 -18.16 48.32 -1.90
CA THR A 89 -18.06 49.76 -1.68
C THR A 89 -16.77 50.15 -0.94
N THR A 90 -16.25 49.30 -0.05
CA THR A 90 -15.03 49.59 0.72
C THR A 90 -13.73 49.15 0.05
N GLY A 91 -13.78 48.24 -0.91
CA GLY A 91 -12.60 47.53 -1.35
C GLY A 91 -12.18 46.50 -0.30
N MET A 92 -11.07 45.81 -0.56
CA MET A 92 -10.59 44.75 0.32
C MET A 92 -9.08 44.71 0.25
N THR A 93 -8.43 44.33 1.35
CA THR A 93 -6.99 44.14 1.29
C THR A 93 -6.66 42.81 0.63
N VAL A 94 -5.39 42.70 0.23
CA VAL A 94 -4.87 41.47 -0.35
C VAL A 94 -5.12 40.30 0.59
N ALA A 95 -4.91 40.50 1.90
CA ALA A 95 -5.16 39.43 2.87
C ALA A 95 -6.63 39.00 2.86
N GLU A 96 -7.53 39.97 2.82
CA GLU A 96 -8.95 39.68 2.84
C GLU A 96 -9.37 38.97 1.56
N LEU A 97 -8.79 39.38 0.43
CA LEU A 97 -9.05 38.74 -0.85
C LEU A 97 -8.58 37.29 -0.82
N SER A 98 -7.40 37.05 -0.26
CA SER A 98 -6.89 35.68 -0.10
C SER A 98 -7.80 34.84 0.79
N ALA A 99 -8.20 35.38 1.94
CA ALA A 99 -9.09 34.67 2.83
C ALA A 99 -10.42 34.36 2.15
N ALA A 100 -10.93 35.30 1.36
CA ALA A 100 -12.20 35.07 0.70
C ALA A 100 -12.08 34.01 -0.39
N ALA A 101 -11.01 34.05 -1.15
CA ALA A 101 -10.77 33.04 -2.17
C ALA A 101 -10.71 31.65 -1.55
N VAL A 102 -10.04 31.52 -0.41
CA VAL A 102 -9.87 30.22 0.24
C VAL A 102 -11.17 29.77 0.90
N GLN A 103 -11.78 30.64 1.70
CA GLN A 103 -12.82 30.24 2.63
C GLN A 103 -14.22 30.31 2.06
N TYR A 104 -14.42 31.07 0.97
CA TYR A 104 -15.69 31.15 0.27
C TYR A 104 -15.59 30.83 -1.21
N SER A 105 -14.40 30.47 -1.72
CA SER A 105 -14.21 30.21 -3.15
C SER A 105 -14.61 31.43 -3.99
N ASP A 106 -14.34 32.61 -3.46
CA ASP A 106 -14.79 33.85 -4.08
C ASP A 106 -14.09 34.07 -5.43
N ASN A 107 -14.88 34.15 -6.51
CA ASN A 107 -14.32 34.16 -7.86
C ASN A 107 -13.64 35.49 -8.18
N ALA A 108 -14.29 36.62 -7.89
CA ALA A 108 -13.67 37.91 -8.18
C ALA A 108 -12.37 38.09 -7.42
N ALA A 109 -12.32 37.65 -6.16
CA ALA A 109 -11.12 37.75 -5.36
C ALA A 109 -9.97 36.96 -5.99
N ALA A 110 -10.28 35.76 -6.47
CA ALA A 110 -9.26 34.95 -7.13
C ALA A 110 -8.70 35.65 -8.35
N ASN A 111 -9.56 36.24 -9.20
CA ASN A 111 -9.07 36.89 -10.41
C ASN A 111 -8.21 38.12 -10.06
N LEU A 112 -8.62 38.88 -9.04
CA LEU A 112 -7.86 40.05 -8.62
C LEU A 112 -6.49 39.65 -8.12
N LEU A 113 -6.42 38.54 -7.37
CA LEU A 113 -5.13 38.08 -6.90
C LEU A 113 -4.30 37.46 -8.02
N LEU A 114 -4.93 36.71 -8.93
CA LEU A 114 -4.17 36.21 -10.07
C LEU A 114 -3.50 37.36 -10.81
N LYS A 115 -4.21 38.47 -10.98
CA LYS A 115 -3.67 39.60 -11.71
C LYS A 115 -2.43 40.16 -11.02
N GLU A 116 -2.45 40.25 -9.70
CA GLU A 116 -1.27 40.72 -8.99
C GLU A 116 -0.09 39.77 -9.14
N LEU A 117 -0.33 38.49 -9.41
CA LEU A 117 0.72 37.50 -9.50
C LEU A 117 1.18 37.24 -10.92
N GLY A 118 0.66 37.97 -11.90
CA GLY A 118 1.00 37.73 -13.27
C GLY A 118 0.15 36.70 -13.97
N GLY A 119 -1.08 36.52 -13.55
CA GLY A 119 -2.00 35.66 -14.21
C GLY A 119 -1.78 34.18 -13.92
N PRO A 120 -2.58 33.34 -14.58
CA PRO A 120 -2.39 31.88 -14.50
C PRO A 120 -0.96 31.43 -14.70
N ALA A 121 -0.24 32.01 -15.66
CA ALA A 121 1.17 31.67 -15.85
C ALA A 121 1.99 31.97 -14.61
N GLY A 122 1.69 33.06 -13.92
CA GLY A 122 2.44 33.39 -12.70
C GLY A 122 2.21 32.41 -11.57
N LEU A 123 0.98 31.97 -11.39
CA LEU A 123 0.73 30.96 -10.38
C LEU A 123 1.40 29.64 -10.76
N THR A 124 1.29 29.26 -12.04
CA THR A 124 1.96 28.05 -12.47
C THR A 124 3.46 28.12 -12.22
N ALA A 125 4.05 29.29 -12.45
CA ALA A 125 5.47 29.44 -12.16
C ALA A 125 5.77 29.29 -10.68
N PHE A 126 4.91 29.84 -9.81
CA PHE A 126 5.12 29.64 -8.39
C PHE A 126 5.12 28.15 -8.05
N MET A 127 4.16 27.42 -8.58
CA MET A 127 4.08 25.99 -8.28
C MET A 127 5.32 25.27 -8.80
N ARG A 128 5.78 25.62 -10.00
CA ARG A 128 7.03 25.05 -10.50
C ARG A 128 8.18 25.32 -9.53
N SER A 129 8.17 26.48 -8.88
CA SER A 129 9.25 26.90 -8.01
C SER A 129 9.33 26.10 -6.71
N ILE A 130 8.26 25.44 -6.30
CA ILE A 130 8.31 24.55 -5.15
C ILE A 130 8.46 23.09 -5.56
N GLY A 131 8.65 22.82 -6.84
CA GLY A 131 8.92 21.48 -7.29
C GLY A 131 7.75 20.72 -7.85
N ASP A 132 6.64 21.39 -8.13
CA ASP A 132 5.45 20.75 -8.67
C ASP A 132 5.51 20.93 -10.19
N THR A 133 5.70 19.84 -10.91
CA THR A 133 5.82 19.87 -12.37
C THR A 133 4.54 19.43 -13.06
N THR A 134 3.50 19.17 -12.28
CA THR A 134 2.22 18.69 -12.80
C THR A 134 1.21 19.81 -12.92
N PHE A 135 1.17 20.68 -11.93
CA PHE A 135 0.16 21.73 -11.85
C PHE A 135 0.25 22.63 -13.05
N ARG A 136 -0.90 22.95 -13.66
CA ARG A 136 -0.96 24.03 -14.64
C ARG A 136 -2.28 24.76 -14.54
N LEU A 137 -2.19 26.08 -14.37
CA LEU A 137 -3.32 26.97 -14.52
C LEU A 137 -3.12 27.78 -15.79
N ASP A 138 -4.13 27.78 -16.60
CA ASP A 138 -4.09 28.36 -17.92
C ASP A 138 -5.06 29.53 -18.10
N ARG A 139 -6.22 29.50 -17.43
CA ARG A 139 -7.29 30.44 -17.66
C ARG A 139 -7.72 31.06 -16.34
N TRP A 140 -8.62 32.04 -16.45
CA TRP A 140 -9.14 32.76 -15.31
C TRP A 140 -10.53 32.24 -14.91
N GLU A 141 -11.07 32.77 -13.82
CA GLU A 141 -12.46 32.46 -13.49
C GLU A 141 -13.34 33.25 -14.48
N LEU A 142 -14.44 32.73 -15.01
CA LEU A 142 -14.97 31.38 -14.84
C LEU A 142 -14.52 30.35 -15.91
N GLU A 143 -13.74 30.78 -16.91
CA GLU A 143 -13.44 29.91 -18.03
C GLU A 143 -12.71 28.63 -17.62
N LEU A 144 -11.91 28.67 -16.56
CA LEU A 144 -11.16 27.47 -16.15
C LEU A 144 -12.04 26.34 -15.64
N ASN A 145 -13.35 26.52 -15.51
CA ASN A 145 -14.27 25.48 -15.05
C ASN A 145 -14.83 24.61 -16.19
N SER A 146 -14.35 24.77 -17.41
CA SER A 146 -14.97 24.05 -18.53
C SER A 146 -14.85 22.55 -18.38
N ALA A 147 -13.75 22.06 -17.78
CA ALA A 147 -13.66 20.66 -17.34
C ALA A 147 -13.86 19.66 -18.50
N ILE A 148 -13.47 20.03 -19.69
CA ILE A 148 -13.68 19.18 -20.87
C ILE A 148 -12.83 17.91 -20.76
N PRO A 149 -13.38 16.72 -20.98
CA PRO A 149 -12.57 15.49 -20.92
C PRO A 149 -11.32 15.56 -21.78
N GLY A 150 -10.19 15.16 -21.21
CA GLY A 150 -8.93 15.13 -21.90
C GLY A 150 -8.21 16.46 -22.05
N ASP A 151 -8.84 17.57 -21.67
CA ASP A 151 -8.22 18.88 -21.75
C ASP A 151 -7.25 19.01 -20.58
N ALA A 152 -5.98 19.21 -20.87
CA ALA A 152 -5.00 19.36 -19.80
C ALA A 152 -4.98 20.75 -19.19
N ARG A 153 -5.63 21.76 -19.79
CA ARG A 153 -5.65 23.08 -19.18
C ARG A 153 -6.27 23.06 -17.79
N ASP A 154 -5.68 23.81 -16.87
CA ASP A 154 -6.27 24.01 -15.54
C ASP A 154 -6.48 22.68 -14.81
N THR A 155 -5.43 21.85 -14.80
CA THR A 155 -5.49 20.53 -14.18
C THR A 155 -4.25 20.30 -13.32
N SER A 156 -4.38 19.32 -12.43
CA SER A 156 -3.24 18.69 -11.77
C SER A 156 -3.62 17.26 -11.44
N SER A 157 -2.76 16.59 -10.65
CA SER A 157 -3.04 15.21 -10.23
C SER A 157 -3.27 15.19 -8.72
N PRO A 158 -4.03 14.23 -8.20
CA PRO A 158 -4.21 14.21 -6.73
C PRO A 158 -2.89 14.13 -5.99
N ARG A 159 -1.92 13.39 -6.53
CA ARG A 159 -0.63 13.26 -5.85
C ARG A 159 0.12 14.58 -5.81
N ALA A 160 0.17 15.28 -6.95
CA ALA A 160 0.89 16.54 -6.98
C ALA A 160 0.18 17.61 -6.13
N VAL A 161 -1.15 17.60 -6.05
CA VAL A 161 -1.87 18.49 -5.12
C VAL A 161 -1.45 18.20 -3.68
N THR A 162 -1.52 16.92 -3.28
CA THR A 162 -1.16 16.53 -1.92
C THR A 162 0.28 16.91 -1.58
N GLU A 163 1.21 16.61 -2.48
CA GLU A 163 2.61 16.91 -2.25
C GLU A 163 2.85 18.39 -2.11
N SER A 164 2.22 19.21 -2.95
CA SER A 164 2.40 20.65 -2.84
C SER A 164 1.75 21.22 -1.57
N LEU A 165 0.57 20.73 -1.25
CA LEU A 165 -0.11 21.12 -0.02
C LEU A 165 0.78 20.82 1.19
N GLN A 166 1.39 19.64 1.23
CA GLN A 166 2.30 19.28 2.33
C GLN A 166 3.45 20.27 2.42
N LYS A 167 4.06 20.60 1.27
CA LYS A 167 5.20 21.49 1.27
C LYS A 167 4.84 22.85 1.85
N LEU A 168 3.66 23.37 1.49
CA LEU A 168 3.26 24.72 1.87
C LEU A 168 2.69 24.80 3.28
N THR A 169 2.01 23.75 3.76
CA THR A 169 1.41 23.80 5.09
C THR A 169 2.32 23.22 6.18
N LEU A 170 3.23 22.32 5.82
CA LEU A 170 4.01 21.55 6.79
C LEU A 170 5.50 21.57 6.52
N GLY A 171 5.93 21.82 5.31
CA GLY A 171 7.32 21.87 4.97
C GLY A 171 7.83 23.28 5.06
N SER A 172 8.85 23.57 4.27
CA SER A 172 9.56 24.82 4.38
C SER A 172 9.42 25.68 3.14
N ALA A 173 8.43 25.41 2.29
CA ALA A 173 8.20 26.27 1.14
C ALA A 173 7.85 27.68 1.57
N LEU A 174 7.06 27.83 2.63
CA LEU A 174 6.72 29.13 3.22
C LEU A 174 7.44 29.36 4.54
N ALA A 175 7.79 30.61 4.82
CA ALA A 175 8.28 30.97 6.15
C ALA A 175 7.20 30.71 7.19
N ALA A 176 7.64 30.52 8.43
CA ALA A 176 6.76 30.06 9.50
C ALA A 176 5.51 30.91 9.69
N PRO A 177 5.58 32.23 9.74
CA PRO A 177 4.33 33.01 9.89
C PRO A 177 3.39 32.87 8.69
N GLN A 178 3.93 32.98 7.49
CA GLN A 178 3.14 32.72 6.30
C GLN A 178 2.50 31.35 6.36
N ARG A 179 3.28 30.34 6.75
CA ARG A 179 2.78 28.98 6.81
C ARG A 179 1.60 28.85 7.77
N GLN A 180 1.70 29.50 8.93
CA GLN A 180 0.60 29.43 9.89
C GLN A 180 -0.63 30.14 9.36
N GLN A 181 -0.43 31.25 8.67
CA GLN A 181 -1.57 31.96 8.09
C GLN A 181 -2.29 31.09 7.07
N PHE A 182 -1.54 30.41 6.21
CA PHE A 182 -2.14 29.51 5.24
C PHE A 182 -2.96 28.43 5.93
N VAL A 183 -2.37 27.76 6.92
CA VAL A 183 -3.11 26.75 7.67
C VAL A 183 -4.36 27.36 8.29
N ASP A 184 -4.24 28.56 8.86
CA ASP A 184 -5.40 29.17 9.51
C ASP A 184 -6.52 29.44 8.52
N TRP A 185 -6.19 29.97 7.34
CA TRP A 185 -7.22 30.19 6.32
C TRP A 185 -7.91 28.89 5.93
N LEU A 186 -7.14 27.81 5.77
CA LEU A 186 -7.75 26.52 5.39
C LEU A 186 -8.67 26.00 6.49
N LYS A 187 -8.24 26.13 7.76
CA LYS A 187 -9.10 25.69 8.85
C LYS A 187 -10.40 26.47 8.92
N GLY A 188 -10.40 27.73 8.49
CA GLY A 188 -11.60 28.52 8.42
C GLY A 188 -12.48 28.33 7.21
N ASN A 189 -12.19 27.38 6.31
CA ASN A 189 -13.02 27.22 5.13
C ASN A 189 -14.47 26.92 5.50
N THR A 190 -15.39 27.52 4.74
CA THR A 190 -16.83 27.32 4.93
C THR A 190 -17.51 26.41 3.91
N THR A 191 -16.84 25.98 2.84
CA THR A 191 -17.48 25.36 1.69
C THR A 191 -17.36 23.84 1.68
N GLY A 192 -16.70 23.27 2.67
CA GLY A 192 -16.24 21.89 2.63
C GLY A 192 -16.89 20.94 3.60
N ASN A 193 -18.03 21.32 4.19
CA ASN A 193 -18.62 20.53 5.27
C ASN A 193 -19.17 19.18 4.82
N HIS A 194 -19.52 19.01 3.55
CA HIS A 194 -20.03 17.72 3.05
C HIS A 194 -18.98 16.91 2.30
N ARG A 195 -17.73 17.32 2.34
CA ARG A 195 -16.70 16.62 1.59
C ARG A 195 -15.71 15.97 2.56
N ILE A 196 -14.43 16.31 2.53
CA ILE A 196 -13.49 15.59 3.38
C ILE A 196 -13.90 15.69 4.84
N ARG A 197 -14.29 16.89 5.28
CA ARG A 197 -14.72 17.09 6.67
C ARG A 197 -15.79 16.10 7.10
N ALA A 198 -16.64 15.66 6.19
CA ALA A 198 -17.71 14.74 6.52
C ALA A 198 -17.20 13.34 6.78
N ALA A 199 -15.96 13.05 6.40
CA ALA A 199 -15.34 11.76 6.65
C ALA A 199 -14.39 11.77 7.83
N VAL A 200 -14.09 12.93 8.39
CA VAL A 200 -13.07 13.05 9.44
C VAL A 200 -13.77 12.96 10.79
N PRO A 201 -13.24 12.21 11.76
CA PRO A 201 -13.84 12.21 13.10
C PRO A 201 -14.01 13.63 13.63
N ALA A 202 -15.12 13.84 14.34
CA ALA A 202 -15.46 15.17 14.83
C ALA A 202 -14.36 15.79 15.66
N ASP A 203 -13.47 15.01 16.25
CA ASP A 203 -12.47 15.57 17.16
C ASP A 203 -11.13 15.82 16.49
N TRP A 204 -11.03 15.66 15.19
CA TRP A 204 -9.81 15.97 14.47
C TRP A 204 -9.90 17.33 13.81
N ALA A 205 -8.86 18.15 13.96
CA ALA A 205 -8.84 19.43 13.27
C ALA A 205 -8.58 19.21 11.79
N VAL A 206 -9.21 20.06 10.97
CA VAL A 206 -9.22 19.99 9.52
C VAL A 206 -9.10 21.39 8.94
N GLY A 207 -8.29 21.56 7.92
CA GLY A 207 -8.44 22.65 6.97
C GLY A 207 -8.51 22.09 5.57
N ASP A 208 -9.26 22.78 4.71
CA ASP A 208 -9.52 22.23 3.39
C ASP A 208 -9.82 23.35 2.38
N LYS A 209 -9.75 22.98 1.11
CA LYS A 209 -10.12 23.85 -0.02
C LYS A 209 -10.86 22.99 -1.03
N THR A 210 -12.08 23.39 -1.35
CA THR A 210 -12.95 22.71 -2.30
C THR A 210 -12.78 23.27 -3.72
N GLY A 211 -13.29 22.52 -4.70
CA GLY A 211 -13.51 23.03 -6.03
C GLY A 211 -14.73 22.38 -6.64
N THR A 212 -15.47 23.15 -7.44
CA THR A 212 -16.68 22.67 -8.12
C THR A 212 -16.76 23.34 -9.47
N CYS A 213 -16.59 22.58 -10.58
CA CYS A 213 -16.61 23.18 -11.91
C CYS A 213 -18.02 23.49 -12.38
N GLY A 214 -19.01 22.71 -11.96
CA GLY A 214 -20.38 22.91 -12.38
C GLY A 214 -20.78 22.15 -13.64
N VAL A 215 -19.88 21.34 -14.22
CA VAL A 215 -20.14 20.57 -15.43
C VAL A 215 -19.33 19.29 -15.31
N TYR A 216 -19.71 18.27 -16.07
CA TYR A 216 -18.95 17.04 -16.20
C TYR A 216 -18.67 16.38 -14.85
N GLY A 217 -19.66 16.41 -13.97
CA GLY A 217 -19.53 15.77 -12.68
C GLY A 217 -18.26 16.09 -11.92
N THR A 218 -17.71 17.29 -12.09
CA THR A 218 -16.34 17.56 -11.70
C THR A 218 -16.34 18.37 -10.41
N ALA A 219 -15.74 17.81 -9.37
CA ALA A 219 -15.66 18.49 -8.08
C ALA A 219 -14.56 17.84 -7.27
N ASN A 220 -14.10 18.55 -6.21
CA ASN A 220 -12.94 18.08 -5.50
C ASN A 220 -12.81 18.77 -4.14
N ASP A 221 -11.83 18.29 -3.39
CA ASP A 221 -11.49 18.79 -2.07
C ASP A 221 -10.08 18.29 -1.72
N TYR A 222 -9.27 19.14 -1.11
CA TYR A 222 -8.05 18.68 -0.46
C TYR A 222 -7.95 19.25 0.94
N ALA A 223 -7.12 18.61 1.78
CA ALA A 223 -7.17 18.90 3.20
C ALA A 223 -5.90 18.48 3.92
N VAL A 224 -5.62 19.18 5.02
CA VAL A 224 -4.72 18.73 6.07
C VAL A 224 -5.57 18.38 7.27
N VAL A 225 -5.29 17.22 7.86
CA VAL A 225 -6.10 16.63 8.90
C VAL A 225 -5.16 16.26 10.06
N TRP A 226 -5.55 16.62 11.28
CA TRP A 226 -4.71 16.41 12.44
C TRP A 226 -5.32 15.35 13.34
N PRO A 227 -4.90 14.09 13.23
CA PRO A 227 -5.40 13.08 14.15
C PRO A 227 -4.86 13.34 15.54
N THR A 228 -5.64 12.93 16.54
CA THR A 228 -5.25 13.11 17.94
C THR A 228 -3.84 12.64 18.20
N GLY A 229 -2.99 13.56 18.62
CA GLY A 229 -1.66 13.22 19.09
C GLY A 229 -0.70 12.79 18.02
N ARG A 230 -1.05 12.95 16.76
CA ARG A 230 -0.28 12.42 15.65
C ARG A 230 0.18 13.51 14.70
N ALA A 231 1.17 13.17 13.89
CA ALA A 231 1.50 13.98 12.74
C ALA A 231 0.28 14.04 11.82
N PRO A 232 0.14 15.12 11.05
CA PRO A 232 -1.05 15.27 10.21
C PRO A 232 -1.09 14.33 9.02
N ILE A 233 -2.30 14.10 8.54
CA ILE A 233 -2.54 13.46 7.25
C ILE A 233 -2.88 14.55 6.24
N VAL A 234 -2.32 14.44 5.06
CA VAL A 234 -2.63 15.33 3.93
C VAL A 234 -3.26 14.49 2.83
N LEU A 235 -4.38 14.97 2.27
CA LEU A 235 -5.05 14.21 1.22
C LEU A 235 -5.78 15.11 0.23
N ALA A 236 -6.02 14.53 -0.95
CA ALA A 236 -6.70 15.14 -2.08
C ALA A 236 -7.67 14.13 -2.70
N VAL A 237 -8.87 14.59 -2.99
CA VAL A 237 -9.92 13.79 -3.61
C VAL A 237 -10.53 14.60 -4.75
N TYR A 238 -10.42 14.06 -5.95
CA TYR A 238 -10.86 14.74 -7.17
C TYR A 238 -11.79 13.81 -7.94
N THR A 239 -12.80 14.40 -8.60
CA THR A 239 -13.71 13.64 -9.45
C THR A 239 -13.96 14.35 -10.78
N ARG A 240 -14.31 13.53 -11.76
CA ARG A 240 -14.85 14.00 -13.03
C ARG A 240 -15.75 12.92 -13.60
N ALA A 241 -16.43 13.24 -14.70
CA ALA A 241 -17.35 12.32 -15.34
C ALA A 241 -17.38 12.60 -16.84
N PRO A 242 -17.78 11.61 -17.64
CA PRO A 242 -17.61 11.76 -19.09
C PRO A 242 -18.64 12.66 -19.76
N ASN A 243 -19.82 12.89 -19.19
CA ASN A 243 -20.86 13.68 -19.85
C ASN A 243 -21.02 15.04 -19.20
N LYS A 244 -21.26 16.05 -20.02
CA LYS A 244 -21.33 17.43 -19.55
C LYS A 244 -22.38 17.61 -18.46
N ASP A 245 -23.52 16.92 -18.59
CA ASP A 245 -24.63 17.01 -17.66
C ASP A 245 -24.53 16.08 -16.46
N ASP A 246 -23.49 15.28 -16.35
CA ASP A 246 -23.34 14.44 -15.19
C ASP A 246 -23.22 15.31 -13.95
N LYS A 247 -23.89 14.91 -12.88
CA LYS A 247 -23.88 15.67 -11.64
C LYS A 247 -22.67 15.27 -10.79
N HIS A 248 -22.02 16.26 -10.20
CA HIS A 248 -21.01 15.93 -9.20
C HIS A 248 -21.68 15.38 -7.94
N SER A 249 -20.89 14.75 -7.08
CA SER A 249 -21.42 14.17 -5.86
C SER A 249 -20.50 14.49 -4.69
N GLU A 250 -21.01 15.27 -3.75
CA GLU A 250 -20.25 15.47 -2.52
C GLU A 250 -20.12 14.17 -1.74
N ALA A 251 -21.19 13.37 -1.71
CA ALA A 251 -21.18 12.08 -1.00
C ALA A 251 -20.10 11.16 -1.52
N VAL A 252 -19.87 11.16 -2.84
CA VAL A 252 -18.79 10.34 -3.39
C VAL A 252 -17.45 10.85 -2.88
N ILE A 253 -17.26 12.18 -2.83
CA ILE A 253 -15.99 12.73 -2.33
C ILE A 253 -15.78 12.32 -0.89
N ALA A 254 -16.82 12.46 -0.04
CA ALA A 254 -16.70 12.08 1.36
C ALA A 254 -16.40 10.59 1.50
N ALA A 255 -17.06 9.77 0.71
CA ALA A 255 -16.84 8.33 0.78
C ALA A 255 -15.42 7.96 0.35
N ALA A 256 -14.92 8.56 -0.71
CA ALA A 256 -13.53 8.30 -1.11
C ALA A 256 -12.55 8.77 -0.03
N ALA A 257 -12.84 9.88 0.61
CA ALA A 257 -11.97 10.36 1.68
C ALA A 257 -11.97 9.38 2.85
N ARG A 258 -13.14 8.85 3.19
CA ARG A 258 -13.26 7.87 4.26
C ARG A 258 -12.48 6.60 3.93
N LEU A 259 -12.57 6.12 2.69
CA LEU A 259 -11.78 4.96 2.29
C LEU A 259 -10.29 5.23 2.45
N ALA A 260 -9.83 6.42 2.09
CA ALA A 260 -8.41 6.73 2.25
C ALA A 260 -8.00 6.75 3.72
N LEU A 261 -8.78 7.45 4.54
CA LEU A 261 -8.46 7.54 5.95
C LEU A 261 -8.50 6.18 6.62
N GLU A 262 -9.50 5.37 6.30
CA GLU A 262 -9.54 4.02 6.82
C GLU A 262 -8.35 3.20 6.33
N GLY A 263 -7.95 3.39 5.08
CA GLY A 263 -6.80 2.67 4.56
C GLY A 263 -5.52 2.99 5.29
N LEU A 264 -5.40 4.21 5.79
CA LEU A 264 -4.24 4.63 6.58
C LEU A 264 -4.30 4.21 8.06
N GLY A 265 -5.48 4.25 8.65
N ASN B 3 -28.87 10.31 -22.85
CA ASN B 3 -28.15 10.70 -24.04
C ASN B 3 -28.13 9.58 -25.08
N LEU B 4 -28.38 9.98 -26.31
CA LEU B 4 -28.57 9.02 -27.38
C LEU B 4 -27.30 8.25 -27.68
N VAL B 5 -26.16 8.92 -27.64
CA VAL B 5 -24.94 8.21 -27.97
C VAL B 5 -24.50 7.37 -26.80
N ALA B 6 -24.70 7.88 -25.59
CA ALA B 6 -24.10 7.26 -24.41
C ALA B 6 -24.87 6.04 -23.94
N GLU B 7 -26.20 6.05 -24.01
CA GLU B 7 -26.96 4.97 -23.38
C GLU B 7 -26.62 3.60 -23.94
N PRO B 8 -26.43 3.41 -25.25
CA PRO B 8 -26.01 2.09 -25.73
C PRO B 8 -24.73 1.58 -25.09
N PHE B 9 -23.74 2.44 -24.92
CA PHE B 9 -22.49 2.04 -24.29
C PHE B 9 -22.70 1.76 -22.81
N ALA B 10 -23.49 2.60 -22.14
CA ALA B 10 -23.77 2.40 -20.72
C ALA B 10 -24.44 1.05 -20.49
N LYS B 11 -25.40 0.73 -21.32
CA LYS B 11 -26.09 -0.56 -21.22
C LYS B 11 -25.11 -1.69 -21.44
N LEU B 12 -24.25 -1.55 -22.45
CA LEU B 12 -23.24 -2.57 -22.71
C LEU B 12 -22.35 -2.77 -21.51
N GLU B 13 -21.85 -1.68 -20.94
CA GLU B 13 -20.86 -1.82 -19.89
C GLU B 13 -21.51 -2.30 -18.59
N GLN B 14 -22.78 -1.95 -18.37
CA GLN B 14 -23.51 -2.48 -17.23
C GLN B 14 -23.73 -3.98 -17.33
N ASP B 15 -24.15 -4.47 -18.48
CA ASP B 15 -24.28 -5.92 -18.65
C ASP B 15 -22.94 -6.64 -18.48
N PHE B 16 -21.87 -6.06 -19.02
CA PHE B 16 -20.53 -6.62 -18.85
C PHE B 16 -20.08 -6.60 -17.39
N GLY B 17 -20.51 -5.60 -16.63
CA GLY B 17 -20.08 -5.47 -15.26
C GLY B 17 -18.83 -4.65 -15.06
N GLY B 18 -18.55 -3.73 -15.95
CA GLY B 18 -17.37 -2.90 -15.84
C GLY B 18 -17.52 -1.62 -16.63
N SER B 19 -16.38 -1.13 -17.12
CA SER B 19 -16.29 0.11 -17.86
C SER B 19 -15.73 -0.15 -19.26
N ILE B 20 -16.28 0.55 -20.22
CA ILE B 20 -15.85 0.50 -21.62
C ILE B 20 -15.51 1.92 -22.09
N GLY B 21 -14.37 2.02 -22.77
CA GLY B 21 -13.92 3.26 -23.38
C GLY B 21 -13.72 3.09 -24.87
N VAL B 22 -14.28 4.02 -25.63
CA VAL B 22 -14.33 3.95 -27.08
C VAL B 22 -14.03 5.31 -27.64
N TYR B 23 -13.18 5.33 -28.67
CA TYR B 23 -13.03 6.49 -29.54
C TYR B 23 -12.87 6.02 -30.98
N ALA B 24 -13.62 6.64 -31.88
CA ALA B 24 -13.57 6.34 -33.30
C ALA B 24 -13.54 7.63 -34.12
N MET B 25 -12.73 7.64 -35.17
CA MET B 25 -12.57 8.77 -36.08
C MET B 25 -12.82 8.31 -37.51
N ASP B 26 -13.70 8.99 -38.21
CA ASP B 26 -13.87 8.83 -39.65
C ASP B 26 -12.93 9.83 -40.32
N THR B 27 -11.88 9.34 -40.97
CA THR B 27 -10.89 10.24 -41.55
C THR B 27 -11.40 10.97 -42.79
N GLY B 28 -12.54 10.58 -43.35
CA GLY B 28 -13.07 11.30 -44.47
C GLY B 28 -13.93 12.48 -44.05
N SER B 29 -14.81 12.24 -43.09
CA SER B 29 -15.76 13.24 -42.64
C SER B 29 -15.25 14.03 -41.45
N GLY B 30 -14.31 13.50 -40.68
CA GLY B 30 -13.93 14.10 -39.44
C GLY B 30 -14.85 13.80 -38.28
N ALA B 31 -15.93 13.08 -38.49
CA ALA B 31 -16.86 12.70 -37.42
C ALA B 31 -16.22 11.74 -36.42
N THR B 32 -16.65 11.86 -35.18
CA THR B 32 -16.15 11.02 -34.10
C THR B 32 -17.28 10.43 -33.28
N VAL B 33 -16.96 9.32 -32.63
CA VAL B 33 -17.77 8.71 -31.58
C VAL B 33 -16.88 8.59 -30.35
N SER B 34 -17.42 8.94 -29.20
CA SER B 34 -16.62 9.01 -27.99
C SER B 34 -17.41 8.55 -26.77
N TYR B 35 -16.88 7.59 -26.03
CA TYR B 35 -17.50 7.17 -24.78
C TYR B 35 -16.38 6.84 -23.80
N ARG B 36 -16.30 7.62 -22.73
CA ARG B 36 -15.21 7.50 -21.78
C ARG B 36 -13.86 7.55 -22.50
N ALA B 37 -13.81 8.32 -23.57
CA ALA B 37 -12.65 8.30 -24.47
C ALA B 37 -11.39 8.87 -23.85
N GLU B 38 -11.49 9.66 -22.79
CA GLU B 38 -10.33 10.31 -22.20
C GLU B 38 -9.90 9.68 -20.88
N GLU B 39 -10.59 8.63 -20.43
CA GLU B 39 -10.18 7.90 -19.23
C GLU B 39 -8.99 6.99 -19.52
N ARG B 40 -8.14 6.80 -18.50
CA ARG B 40 -7.06 5.83 -18.64
C ARG B 40 -7.58 4.40 -18.49
N PHE B 41 -7.09 3.53 -19.35
CA PHE B 41 -7.28 2.09 -19.31
C PHE B 41 -5.92 1.41 -19.49
N PRO B 42 -5.74 0.21 -18.94
CA PRO B 42 -4.48 -0.53 -19.19
C PRO B 42 -4.33 -0.87 -20.67
N LEU B 43 -3.10 -0.69 -21.13
CA LEU B 43 -2.73 -1.04 -22.49
C LEU B 43 -2.74 -2.55 -22.73
N CYS B 44 -2.25 -3.32 -21.75
CA CYS B 44 -1.97 -4.74 -21.93
C CYS B 44 -1.07 -4.86 -23.18
N SER B 45 -1.27 -5.89 -24.00
CA SER B 45 -0.43 -6.10 -25.17
C SER B 45 -0.67 -5.12 -26.31
N SER B 46 -1.65 -4.22 -26.21
CA SER B 46 -1.85 -3.23 -27.26
C SER B 46 -0.66 -2.31 -27.42
N PHE B 47 0.22 -2.20 -26.44
CA PHE B 47 1.44 -1.40 -26.61
C PHE B 47 2.39 -1.96 -27.67
N LYS B 48 2.26 -3.24 -28.01
CA LYS B 48 3.16 -3.88 -28.97
C LYS B 48 3.03 -3.31 -30.37
N GLY B 49 1.86 -2.81 -30.76
CA GLY B 49 1.76 -2.14 -32.05
C GLY B 49 2.59 -0.87 -32.10
N PHE B 50 2.49 -0.06 -31.06
CA PHE B 50 3.28 1.17 -31.00
C PHE B 50 4.76 0.85 -30.86
N LEU B 51 5.10 -0.28 -30.23
CA LEU B 51 6.49 -0.71 -30.15
C LEU B 51 7.03 -0.99 -31.53
N ALA B 52 6.26 -1.69 -32.36
CA ALA B 52 6.68 -1.98 -33.72
C ALA B 52 6.88 -0.69 -34.50
N ALA B 53 5.99 0.27 -34.30
CA ALA B 53 6.12 1.57 -34.95
C ALA B 53 7.38 2.30 -34.48
N ALA B 54 7.68 2.25 -33.18
CA ALA B 54 8.93 2.85 -32.70
C ALA B 54 10.15 2.18 -33.32
N VAL B 55 10.13 0.85 -33.45
CA VAL B 55 11.20 0.14 -34.17
C VAL B 55 11.34 0.67 -35.59
N LEU B 56 10.22 0.82 -36.29
CA LEU B 56 10.24 1.30 -37.67
C LEU B 56 10.82 2.72 -37.76
N ALA B 57 10.41 3.60 -36.84
CA ALA B 57 10.95 4.93 -36.76
C ALA B 57 12.46 4.89 -36.58
N ARG B 58 12.95 4.00 -35.72
CA ARG B 58 14.40 3.91 -35.56
C ARG B 58 15.07 3.43 -36.84
N SER B 59 14.40 2.59 -37.62
CA SER B 59 14.99 2.10 -38.85
C SER B 59 15.19 3.20 -39.89
N GLN B 60 14.50 4.34 -39.75
CA GLN B 60 14.70 5.46 -40.67
C GLN B 60 16.05 6.12 -40.43
N GLN B 61 16.62 5.94 -39.25
CA GLN B 61 17.92 6.47 -38.94
C GLN B 61 18.99 5.41 -38.72
N GLN B 62 18.62 4.14 -38.70
CA GLN B 62 19.58 3.07 -38.39
C GLN B 62 19.50 1.99 -39.48
N ALA B 63 20.27 2.20 -40.54
CA ALA B 63 20.29 1.29 -41.68
C ALA B 63 20.47 -0.14 -41.21
N GLY B 64 19.67 -1.04 -41.78
CA GLY B 64 19.76 -2.46 -41.52
C GLY B 64 19.09 -2.92 -40.25
N LEU B 65 18.44 -2.02 -39.50
CA LEU B 65 17.87 -2.42 -38.21
C LEU B 65 16.98 -3.63 -38.35
N LEU B 66 16.01 -3.60 -39.27
CA LEU B 66 15.04 -4.67 -39.35
C LEU B 66 15.67 -6.01 -39.71
N ASP B 67 16.73 -5.98 -40.51
CA ASP B 67 17.46 -7.17 -40.90
C ASP B 67 18.41 -7.68 -39.81
N THR B 68 18.52 -7.00 -38.67
CA THR B 68 19.53 -7.34 -37.69
C THR B 68 19.09 -8.55 -36.86
N PRO B 69 19.87 -9.62 -36.81
CA PRO B 69 19.47 -10.78 -36.00
C PRO B 69 19.68 -10.52 -34.51
N ILE B 70 18.75 -11.01 -33.70
CA ILE B 70 18.86 -10.98 -32.25
C ILE B 70 18.97 -12.42 -31.75
N ARG B 71 20.11 -12.74 -31.14
CA ARG B 71 20.38 -14.06 -30.59
C ARG B 71 20.09 -13.97 -29.10
N TYR B 72 18.92 -14.42 -28.71
CA TYR B 72 18.47 -14.32 -27.34
C TYR B 72 18.61 -15.68 -26.67
N GLY B 73 18.75 -15.67 -25.36
CA GLY B 73 18.86 -16.90 -24.61
C GLY B 73 17.54 -17.28 -23.98
N LYS B 74 17.51 -18.48 -23.37
CA LYS B 74 16.28 -18.96 -22.79
C LYS B 74 15.81 -18.08 -21.64
N ASN B 75 16.73 -17.35 -21.00
CA ASN B 75 16.36 -16.42 -19.94
C ASN B 75 15.52 -15.25 -20.43
N ALA B 76 15.44 -15.03 -21.74
CA ALA B 76 14.57 -14.01 -22.31
C ALA B 76 13.12 -14.48 -22.42
N LEU B 77 12.89 -15.77 -22.29
CA LEU B 77 11.58 -16.31 -22.57
C LEU B 77 10.64 -16.12 -21.39
N VAL B 78 9.40 -15.79 -21.72
CA VAL B 78 8.30 -15.76 -20.75
C VAL B 78 7.11 -16.38 -21.44
N PRO B 79 6.14 -16.85 -20.67
CA PRO B 79 5.03 -17.57 -21.29
C PRO B 79 4.23 -16.70 -22.25
N TRP B 80 3.45 -17.37 -23.10
CA TRP B 80 2.73 -16.76 -24.21
C TRP B 80 3.72 -16.10 -25.17
N SER B 81 4.76 -16.87 -25.50
CA SER B 81 5.80 -16.44 -26.45
C SER B 81 6.02 -17.57 -27.48
N PRO B 82 4.96 -17.97 -28.18
CA PRO B 82 5.06 -19.17 -29.05
C PRO B 82 6.08 -19.04 -30.18
N ILE B 83 6.22 -17.85 -30.79
CA ILE B 83 7.17 -17.70 -31.89
C ILE B 83 8.60 -17.67 -31.35
N SER B 84 8.84 -16.87 -30.32
CA SER B 84 10.14 -16.75 -29.66
C SER B 84 10.64 -18.11 -29.16
N GLU B 85 9.75 -18.90 -28.58
CA GLU B 85 10.13 -20.22 -28.07
C GLU B 85 10.55 -21.15 -29.21
N LYS B 86 9.79 -21.14 -30.30
CA LYS B 86 10.04 -22.03 -31.44
C LYS B 86 11.35 -21.68 -32.12
N TYR B 87 11.73 -20.41 -32.18
CA TYR B 87 12.97 -19.96 -32.81
C TYR B 87 14.08 -19.70 -31.82
N LEU B 88 13.97 -20.21 -30.60
CA LEU B 88 15.02 -20.02 -29.61
C LEU B 88 16.40 -20.43 -30.16
N THR B 89 16.47 -21.59 -30.81
CA THR B 89 17.78 -22.07 -31.26
C THR B 89 18.38 -21.21 -32.37
N THR B 90 17.55 -20.60 -33.22
CA THR B 90 18.05 -19.75 -34.29
C THR B 90 18.13 -18.28 -33.95
N GLY B 91 17.32 -17.78 -33.00
CA GLY B 91 17.13 -16.36 -32.87
C GLY B 91 16.19 -15.82 -33.94
N MET B 92 16.06 -14.49 -33.97
CA MET B 92 15.13 -13.85 -34.89
C MET B 92 15.60 -12.44 -35.20
N THR B 93 15.33 -12.00 -36.43
CA THR B 93 15.66 -10.63 -36.77
C THR B 93 14.67 -9.70 -36.09
N VAL B 94 15.04 -8.44 -36.00
CA VAL B 94 14.16 -7.38 -35.50
C VAL B 94 12.82 -7.37 -36.23
N ALA B 95 12.83 -7.50 -37.57
CA ALA B 95 11.57 -7.55 -38.32
C ALA B 95 10.72 -8.73 -37.90
N GLU B 96 11.35 -9.89 -37.70
CA GLU B 96 10.65 -11.10 -37.32
C GLU B 96 10.08 -10.97 -35.91
N LEU B 97 10.86 -10.39 -35.00
CA LEU B 97 10.37 -10.12 -33.65
C LEU B 97 9.18 -9.16 -33.69
N SER B 98 9.27 -8.15 -34.53
CA SER B 98 8.21 -7.16 -34.63
C SER B 98 6.93 -7.82 -35.11
N ALA B 99 7.02 -8.64 -36.15
CA ALA B 99 5.85 -9.36 -36.65
C ALA B 99 5.27 -10.29 -35.60
N ALA B 100 6.12 -10.98 -34.84
CA ALA B 100 5.62 -11.90 -33.82
C ALA B 100 4.90 -11.14 -32.69
N ALA B 101 5.49 -10.05 -32.25
CA ALA B 101 4.86 -9.20 -31.25
C ALA B 101 3.52 -8.65 -31.72
N VAL B 102 3.42 -8.20 -32.97
CA VAL B 102 2.20 -7.57 -33.43
C VAL B 102 1.12 -8.61 -33.75
N GLN B 103 1.50 -9.68 -34.47
CA GLN B 103 0.51 -10.58 -35.08
C GLN B 103 0.17 -11.79 -34.21
N TYR B 104 1.03 -12.14 -33.25
CA TYR B 104 0.78 -13.22 -32.30
C TYR B 104 0.84 -12.76 -30.85
N SER B 105 1.16 -11.49 -30.61
CA SER B 105 1.29 -10.93 -29.28
C SER B 105 2.39 -11.60 -28.46
N ASP B 106 3.49 -11.97 -29.13
CA ASP B 106 4.57 -12.73 -28.49
C ASP B 106 5.27 -11.88 -27.42
N ASN B 107 5.22 -12.34 -26.17
CA ASN B 107 5.68 -11.50 -25.06
C ASN B 107 7.19 -11.32 -25.06
N ALA B 108 7.95 -12.41 -25.15
CA ALA B 108 9.40 -12.30 -25.18
C ALA B 108 9.88 -11.44 -26.35
N ALA B 109 9.25 -11.56 -27.52
CA ALA B 109 9.67 -10.72 -28.63
C ALA B 109 9.48 -9.26 -28.30
N ALA B 110 8.37 -8.92 -27.63
CA ALA B 110 8.16 -7.53 -27.25
C ALA B 110 9.25 -7.06 -26.31
N ASN B 111 9.61 -7.87 -25.29
CA ASN B 111 10.65 -7.45 -24.36
C ASN B 111 11.98 -7.24 -25.07
N LEU B 112 12.31 -8.12 -26.03
CA LEU B 112 13.55 -7.98 -26.78
C LEU B 112 13.58 -6.68 -27.54
N LEU B 113 12.48 -6.32 -28.18
CA LEU B 113 12.43 -5.06 -28.90
C LEU B 113 12.46 -3.88 -27.94
N LEU B 114 11.75 -3.98 -26.81
CA LEU B 114 11.81 -2.90 -25.83
C LEU B 114 13.25 -2.60 -25.43
N LYS B 115 14.04 -3.65 -25.21
CA LYS B 115 15.43 -3.49 -24.84
C LYS B 115 16.24 -2.78 -25.92
N GLU B 116 15.90 -3.00 -27.19
CA GLU B 116 16.56 -2.26 -28.25
C GLU B 116 16.19 -0.79 -28.27
N LEU B 117 15.10 -0.42 -27.61
CA LEU B 117 14.63 0.96 -27.63
C LEU B 117 14.94 1.70 -26.35
N GLY B 118 15.63 1.08 -25.40
CA GLY B 118 15.82 1.66 -24.09
C GLY B 118 14.69 1.41 -23.12
N GLY B 119 13.96 0.32 -23.27
CA GLY B 119 12.97 -0.08 -22.30
C GLY B 119 11.66 0.68 -22.43
N PRO B 120 10.75 0.39 -21.52
CA PRO B 120 9.48 1.16 -21.44
C PRO B 120 9.66 2.65 -21.52
N ALA B 121 10.68 3.20 -20.88
CA ALA B 121 10.89 4.64 -20.94
C ALA B 121 11.21 5.09 -22.34
N GLY B 122 11.93 4.29 -23.12
CA GLY B 122 12.24 4.68 -24.48
C GLY B 122 11.02 4.64 -25.38
N LEU B 123 10.14 3.66 -25.18
CA LEU B 123 8.91 3.64 -25.95
C LEU B 123 8.04 4.84 -25.59
N THR B 124 7.95 5.17 -24.31
CA THR B 124 7.19 6.33 -23.91
C THR B 124 7.78 7.59 -24.53
N ALA B 125 9.11 7.70 -24.56
CA ALA B 125 9.75 8.85 -25.17
C ALA B 125 9.41 8.96 -26.66
N PHE B 126 9.33 7.83 -27.36
CA PHE B 126 8.93 7.87 -28.76
C PHE B 126 7.52 8.39 -28.90
N MET B 127 6.59 7.88 -28.09
CA MET B 127 5.22 8.36 -28.19
C MET B 127 5.12 9.85 -27.88
N ARG B 128 5.89 10.33 -26.90
CA ARG B 128 5.92 11.76 -26.62
C ARG B 128 6.40 12.54 -27.84
N SER B 129 7.32 11.95 -28.59
CA SER B 129 7.91 12.66 -29.72
C SER B 129 6.95 12.77 -30.87
N ILE B 130 5.89 11.95 -30.92
CA ILE B 130 4.87 12.12 -31.95
C ILE B 130 3.68 12.90 -31.43
N GLY B 131 3.79 13.46 -30.23
CA GLY B 131 2.75 14.31 -29.70
C GLY B 131 1.73 13.59 -28.83
N ASP B 132 2.07 12.42 -28.31
CA ASP B 132 1.18 11.69 -27.42
C ASP B 132 1.65 11.95 -25.99
N THR B 133 0.85 12.69 -25.26
CA THR B 133 1.19 13.03 -23.90
C THR B 133 0.47 12.16 -22.89
N THR B 134 -0.36 11.23 -23.34
CA THR B 134 -1.11 10.36 -22.44
C THR B 134 -0.44 9.00 -22.20
N PHE B 135 -0.01 8.35 -23.28
CA PHE B 135 0.64 7.05 -23.23
C PHE B 135 1.74 7.00 -22.19
N ARG B 136 1.72 5.96 -21.38
CA ARG B 136 2.88 5.63 -20.57
C ARG B 136 3.04 4.11 -20.49
N LEU B 137 4.25 3.66 -20.82
CA LEU B 137 4.70 2.31 -20.54
C LEU B 137 5.76 2.36 -19.47
N ASP B 138 5.56 1.58 -18.43
CA ASP B 138 6.38 1.61 -17.23
C ASP B 138 7.12 0.31 -16.98
N ARG B 139 6.54 -0.82 -17.34
CA ARG B 139 7.08 -2.13 -16.99
C ARG B 139 7.22 -2.97 -18.26
N TRP B 140 7.75 -4.16 -18.06
CA TRP B 140 7.99 -5.14 -19.11
C TRP B 140 6.91 -6.23 -19.05
N GLU B 141 6.91 -7.11 -20.06
CA GLU B 141 6.09 -8.31 -19.97
C GLU B 141 6.72 -9.20 -18.92
N LEU B 142 5.96 -9.86 -18.04
CA LEU B 142 4.49 -9.87 -17.99
C LEU B 142 3.92 -8.89 -16.97
N GLU B 143 4.80 -8.24 -16.21
CA GLU B 143 4.36 -7.42 -15.10
C GLU B 143 3.40 -6.30 -15.52
N LEU B 144 3.57 -5.75 -16.72
CA LEU B 144 2.70 -4.67 -17.17
C LEU B 144 1.22 -5.09 -17.32
N ASN B 145 0.88 -6.37 -17.16
CA ASN B 145 -0.52 -6.81 -17.26
C ASN B 145 -1.29 -6.81 -15.93
N SER B 146 -0.72 -6.28 -14.85
CA SER B 146 -1.39 -6.36 -13.55
C SER B 146 -2.76 -5.64 -13.55
N ALA B 147 -2.89 -4.54 -14.28
CA ALA B 147 -4.19 -3.91 -14.57
C ALA B 147 -4.93 -3.54 -13.29
N ILE B 148 -4.19 -3.17 -12.27
CA ILE B 148 -4.84 -2.85 -10.99
C ILE B 148 -5.70 -1.60 -11.15
N PRO B 149 -6.97 -1.64 -10.76
CA PRO B 149 -7.80 -0.42 -10.82
C PRO B 149 -7.11 0.78 -10.14
N GLY B 150 -7.13 1.93 -10.82
CA GLY B 150 -6.55 3.16 -10.33
C GLY B 150 -5.05 3.30 -10.54
N ASP B 151 -4.37 2.28 -11.02
CA ASP B 151 -2.95 2.36 -11.26
C ASP B 151 -2.72 2.96 -12.64
N ALA B 152 -1.92 4.04 -12.74
CA ALA B 152 -1.66 4.66 -14.03
C ALA B 152 -0.56 3.96 -14.84
N ARG B 153 0.21 3.07 -14.24
CA ARG B 153 1.29 2.43 -14.98
C ARG B 153 0.74 1.64 -16.17
N ASP B 154 1.42 1.77 -17.31
CA ASP B 154 1.09 0.97 -18.49
C ASP B 154 -0.34 1.21 -18.98
N THR B 155 -0.70 2.50 -19.13
CA THR B 155 -2.06 2.91 -19.50
C THR B 155 -2.01 3.99 -20.58
N SER B 156 -3.12 4.13 -21.28
CA SER B 156 -3.38 5.30 -22.11
C SER B 156 -4.88 5.52 -22.13
N SER B 157 -5.34 6.31 -23.07
CA SER B 157 -6.77 6.52 -23.25
C SER B 157 -7.20 6.16 -24.67
N PRO B 158 -8.47 5.81 -24.88
CA PRO B 158 -8.91 5.45 -26.24
C PRO B 158 -8.63 6.53 -27.26
N ARG B 159 -8.86 7.78 -26.89
CA ARG B 159 -8.65 8.88 -27.82
C ARG B 159 -7.17 9.03 -28.17
N ALA B 160 -6.30 8.96 -27.17
CA ALA B 160 -4.87 9.10 -27.40
C ALA B 160 -4.34 7.96 -28.28
N VAL B 161 -4.80 6.74 -28.01
CA VAL B 161 -4.44 5.57 -28.81
C VAL B 161 -4.85 5.78 -30.25
N THR B 162 -6.09 6.20 -30.46
CA THR B 162 -6.61 6.40 -31.81
C THR B 162 -5.82 7.47 -32.55
N GLU B 163 -5.54 8.60 -31.90
CA GLU B 163 -4.83 9.68 -32.56
C GLU B 163 -3.41 9.27 -32.91
N SER B 164 -2.73 8.58 -32.01
CA SER B 164 -1.39 8.08 -32.31
C SER B 164 -1.41 7.06 -33.46
N LEU B 165 -2.34 6.12 -33.41
CA LEU B 165 -2.49 5.14 -34.48
C LEU B 165 -2.67 5.83 -35.82
N GLN B 166 -3.54 6.85 -35.85
CA GLN B 166 -3.80 7.62 -37.06
C GLN B 166 -2.55 8.28 -37.60
N LYS B 167 -1.77 8.91 -36.70
CA LYS B 167 -0.53 9.55 -37.11
C LYS B 167 0.40 8.55 -37.77
N LEU B 168 0.48 7.35 -37.18
CA LEU B 168 1.52 6.39 -37.54
C LEU B 168 1.15 5.57 -38.77
N THR B 169 -0.13 5.30 -38.99
CA THR B 169 -0.57 4.48 -40.12
C THR B 169 -0.99 5.30 -41.34
N LEU B 170 -1.48 6.50 -41.12
CA LEU B 170 -2.05 7.34 -42.18
C LEU B 170 -1.43 8.73 -42.27
N GLY B 171 -0.81 9.25 -41.21
CA GLY B 171 -0.19 10.56 -41.23
C GLY B 171 1.26 10.55 -41.65
N SER B 172 2.04 11.42 -41.02
CA SER B 172 3.43 11.63 -41.40
C SER B 172 4.39 11.25 -40.31
N ALA B 173 3.89 10.65 -39.21
CA ALA B 173 4.77 10.31 -38.10
C ALA B 173 5.85 9.31 -38.51
N LEU B 174 5.55 8.43 -39.46
CA LEU B 174 6.53 7.54 -40.05
C LEU B 174 6.73 7.86 -41.53
N ALA B 175 7.94 7.60 -42.04
CA ALA B 175 8.15 7.67 -43.47
C ALA B 175 7.31 6.62 -44.18
N ALA B 176 7.05 6.87 -45.47
CA ALA B 176 6.08 6.06 -46.21
C ALA B 176 6.41 4.58 -46.26
N PRO B 177 7.65 4.14 -46.50
CA PRO B 177 7.91 2.68 -46.49
C PRO B 177 7.68 2.06 -45.12
N GLN B 178 8.19 2.71 -44.08
CA GLN B 178 7.94 2.29 -42.70
C GLN B 178 6.44 2.21 -42.40
N ARG B 179 5.68 3.23 -42.83
CA ARG B 179 4.22 3.24 -42.64
C ARG B 179 3.56 2.03 -43.28
N GLN B 180 4.00 1.70 -44.49
CA GLN B 180 3.45 0.55 -45.21
C GLN B 180 3.72 -0.75 -44.45
N GLN B 181 4.94 -0.89 -43.91
CA GLN B 181 5.28 -2.10 -43.17
C GLN B 181 4.45 -2.20 -41.90
N PHE B 182 4.30 -1.08 -41.18
CA PHE B 182 3.43 -1.06 -39.99
C PHE B 182 2.03 -1.56 -40.34
N VAL B 183 1.45 -1.00 -41.39
CA VAL B 183 0.11 -1.38 -41.81
C VAL B 183 0.05 -2.85 -42.21
N ASP B 184 1.06 -3.33 -42.95
CA ASP B 184 1.12 -4.75 -43.29
C ASP B 184 1.10 -5.63 -42.05
N TRP B 185 1.88 -5.28 -41.04
CA TRP B 185 1.89 -6.07 -39.80
C TRP B 185 0.52 -6.08 -39.13
N LEU B 186 -0.11 -4.90 -38.97
CA LEU B 186 -1.46 -4.83 -38.41
C LEU B 186 -2.47 -5.62 -39.22
N LYS B 187 -2.37 -5.56 -40.55
CA LYS B 187 -3.30 -6.29 -41.39
C LYS B 187 -3.18 -7.79 -41.20
N GLY B 188 -2.00 -8.29 -40.92
CA GLY B 188 -1.75 -9.69 -40.71
C GLY B 188 -1.95 -10.17 -39.29
N ASN B 189 -2.48 -9.34 -38.37
CA ASN B 189 -2.71 -9.81 -37.02
C ASN B 189 -3.64 -11.02 -36.99
N THR B 190 -3.32 -11.99 -36.14
CA THR B 190 -4.11 -13.21 -36.04
C THR B 190 -4.94 -13.30 -34.78
N THR B 191 -4.82 -12.35 -33.84
CA THR B 191 -5.44 -12.48 -32.54
C THR B 191 -6.75 -11.73 -32.39
N GLY B 192 -7.22 -11.03 -33.40
CA GLY B 192 -8.34 -10.12 -33.21
C GLY B 192 -9.63 -10.48 -33.90
N ASN B 193 -9.75 -11.73 -34.36
CA ASN B 193 -10.91 -12.08 -35.17
C ASN B 193 -12.23 -11.94 -34.42
N HIS B 194 -12.25 -11.94 -33.10
CA HIS B 194 -13.49 -11.80 -32.34
C HIS B 194 -13.70 -10.40 -31.75
N ARG B 195 -12.86 -9.44 -32.12
CA ARG B 195 -13.01 -8.09 -31.57
C ARG B 195 -13.45 -7.17 -32.70
N ILE B 196 -12.70 -6.10 -33.00
CA ILE B 196 -13.14 -5.12 -34.00
C ILE B 196 -13.43 -5.80 -35.34
N ARG B 197 -12.60 -6.74 -35.74
CA ARG B 197 -12.85 -7.44 -37.01
C ARG B 197 -14.24 -8.11 -37.06
N ALA B 198 -14.78 -8.49 -35.94
CA ALA B 198 -16.09 -9.14 -35.91
C ALA B 198 -17.24 -8.15 -36.09
N ALA B 199 -16.97 -6.85 -36.04
CA ALA B 199 -17.97 -5.83 -36.20
C ALA B 199 -18.03 -5.29 -37.61
N VAL B 200 -17.12 -5.73 -38.47
CA VAL B 200 -16.84 -5.04 -39.71
C VAL B 200 -17.39 -5.88 -40.87
N PRO B 201 -18.01 -5.28 -41.89
CA PRO B 201 -18.40 -6.06 -43.05
C PRO B 201 -17.22 -6.84 -43.61
N ALA B 202 -17.52 -7.97 -44.23
CA ALA B 202 -16.50 -8.94 -44.62
C ALA B 202 -15.52 -8.42 -45.66
N ASP B 203 -15.91 -7.44 -46.48
CA ASP B 203 -15.07 -6.95 -47.56
C ASP B 203 -14.15 -5.82 -47.15
N TRP B 204 -14.27 -5.31 -45.92
CA TRP B 204 -13.43 -4.23 -45.45
C TRP B 204 -12.06 -4.75 -45.01
N ALA B 205 -11.01 -4.04 -45.39
CA ALA B 205 -9.68 -4.39 -44.89
C ALA B 205 -9.53 -3.84 -43.49
N VAL B 206 -8.85 -4.59 -42.63
CA VAL B 206 -8.66 -4.23 -41.23
C VAL B 206 -7.23 -4.55 -40.81
N GLY B 207 -6.61 -3.62 -40.10
CA GLY B 207 -5.40 -3.90 -39.35
C GLY B 207 -5.64 -3.57 -37.89
N ASP B 208 -5.25 -4.45 -36.97
CA ASP B 208 -5.57 -4.23 -35.56
C ASP B 208 -4.48 -4.80 -34.67
N LYS B 209 -4.49 -4.38 -33.41
CA LYS B 209 -3.67 -4.98 -32.35
C LYS B 209 -4.54 -5.11 -31.11
N THR B 210 -4.53 -6.30 -30.52
CA THR B 210 -5.30 -6.63 -29.33
C THR B 210 -4.45 -6.50 -28.08
N GLY B 211 -5.15 -6.45 -26.96
CA GLY B 211 -4.55 -6.55 -25.66
C GLY B 211 -5.46 -7.33 -24.71
N THR B 212 -4.85 -8.17 -23.88
CA THR B 212 -5.59 -9.00 -22.91
C THR B 212 -4.70 -9.15 -21.69
N CYS B 213 -5.04 -8.44 -20.61
CA CYS B 213 -4.22 -8.49 -19.40
C CYS B 213 -4.42 -9.79 -18.64
N GLY B 214 -5.59 -10.42 -18.74
CA GLY B 214 -5.89 -11.66 -18.05
C GLY B 214 -6.41 -11.50 -16.64
N VAL B 215 -6.66 -10.27 -16.19
CA VAL B 215 -7.23 -9.98 -14.88
C VAL B 215 -8.06 -8.73 -15.00
N TYR B 216 -8.92 -8.53 -14.00
CA TYR B 216 -9.72 -7.30 -13.88
C TYR B 216 -10.52 -7.03 -15.15
N GLY B 217 -10.98 -8.09 -15.80
CA GLY B 217 -11.81 -8.00 -17.00
C GLY B 217 -11.23 -7.04 -18.03
N THR B 218 -9.90 -6.96 -18.12
CA THR B 218 -9.24 -5.88 -18.85
C THR B 218 -8.72 -6.42 -20.17
N ALA B 219 -9.28 -5.89 -21.26
CA ALA B 219 -8.87 -6.27 -22.61
C ALA B 219 -9.25 -5.17 -23.58
N ASN B 220 -8.71 -5.23 -24.80
CA ASN B 220 -8.88 -4.12 -25.73
C ASN B 220 -8.50 -4.54 -27.15
N ASP B 221 -8.69 -3.58 -28.06
CA ASP B 221 -8.39 -3.71 -29.47
C ASP B 221 -8.39 -2.30 -30.04
N TYR B 222 -7.43 -2.03 -30.90
CA TYR B 222 -7.52 -0.86 -31.76
C TYR B 222 -7.26 -1.26 -33.20
N ALA B 223 -7.79 -0.46 -34.11
CA ALA B 223 -7.75 -0.82 -35.53
C ALA B 223 -7.82 0.40 -36.43
N VAL B 224 -7.28 0.22 -37.62
CA VAL B 224 -7.62 1.01 -38.80
C VAL B 224 -8.46 0.13 -39.70
N VAL B 225 -9.59 0.66 -40.15
CA VAL B 225 -10.57 -0.08 -40.95
C VAL B 225 -10.76 0.66 -42.26
N TRP B 226 -10.67 -0.05 -43.38
CA TRP B 226 -10.86 0.57 -44.70
C TRP B 226 -12.16 0.08 -45.30
N PRO B 227 -13.25 0.81 -45.16
CA PRO B 227 -14.45 0.46 -45.90
C PRO B 227 -14.18 0.58 -47.38
N THR B 228 -14.73 -0.35 -48.15
CA THR B 228 -14.39 -0.42 -49.57
C THR B 228 -14.74 0.88 -50.27
N GLY B 229 -13.78 1.43 -50.99
CA GLY B 229 -14.01 2.66 -51.69
C GLY B 229 -14.12 3.90 -50.83
N ARG B 230 -13.78 3.84 -49.55
CA ARG B 230 -14.02 4.95 -48.64
C ARG B 230 -12.80 5.24 -47.77
N ALA B 231 -12.86 6.40 -47.12
CA ALA B 231 -11.77 6.84 -46.28
C ALA B 231 -11.73 5.96 -45.05
N PRO B 232 -10.55 5.66 -44.52
CA PRO B 232 -10.46 4.78 -43.36
C PRO B 232 -11.04 5.41 -42.08
N ILE B 233 -11.37 4.52 -41.19
CA ILE B 233 -11.83 4.81 -39.84
C ILE B 233 -10.79 4.25 -38.89
N VAL B 234 -10.42 5.05 -37.89
CA VAL B 234 -9.49 4.62 -36.86
C VAL B 234 -10.26 4.57 -35.54
N LEU B 235 -10.08 3.50 -34.78
CA LEU B 235 -10.85 3.36 -33.54
C LEU B 235 -10.15 2.48 -32.52
N ALA B 236 -10.54 2.72 -31.28
CA ALA B 236 -10.00 2.01 -30.13
C ALA B 236 -11.14 1.68 -29.16
N VAL B 237 -11.11 0.44 -28.65
CA VAL B 237 -12.07 -0.07 -27.67
C VAL B 237 -11.30 -0.73 -26.53
N TYR B 238 -11.50 -0.21 -25.31
CA TYR B 238 -10.80 -0.65 -24.10
C TYR B 238 -11.82 -1.01 -23.02
N THR B 239 -11.55 -2.06 -22.26
CA THR B 239 -12.44 -2.47 -21.19
C THR B 239 -11.65 -2.75 -19.93
N ARG B 240 -12.38 -2.73 -18.82
CA ARG B 240 -11.87 -3.07 -17.51
C ARG B 240 -13.05 -3.32 -16.58
N ALA B 241 -12.76 -3.90 -15.42
CA ALA B 241 -13.76 -4.26 -14.43
C ALA B 241 -13.16 -4.17 -13.04
N PRO B 242 -14.00 -4.07 -12.01
CA PRO B 242 -13.49 -3.74 -10.67
C PRO B 242 -12.94 -4.90 -9.86
N ASN B 243 -13.26 -6.15 -10.20
CA ASN B 243 -12.79 -7.30 -9.44
C ASN B 243 -11.74 -8.08 -10.23
N LYS B 244 -10.74 -8.59 -9.51
CA LYS B 244 -9.61 -9.23 -10.16
C LYS B 244 -10.03 -10.43 -11.00
N ASP B 245 -11.07 -11.15 -10.60
CA ASP B 245 -11.55 -12.35 -11.26
C ASP B 245 -12.68 -12.10 -12.26
N ASP B 246 -13.13 -10.86 -12.41
CA ASP B 246 -14.03 -10.52 -13.50
C ASP B 246 -13.40 -10.88 -14.84
N LYS B 247 -14.15 -11.52 -15.69
CA LYS B 247 -13.59 -11.98 -16.95
C LYS B 247 -13.75 -10.92 -18.03
N HIS B 248 -12.75 -10.80 -18.90
CA HIS B 248 -12.96 -9.98 -20.07
C HIS B 248 -13.97 -10.65 -21.00
N SER B 249 -14.41 -9.90 -21.99
CA SER B 249 -15.37 -10.35 -22.98
C SER B 249 -14.97 -9.82 -24.34
N GLU B 250 -14.66 -10.73 -25.27
CA GLU B 250 -14.42 -10.31 -26.64
C GLU B 250 -15.71 -9.81 -27.29
N ALA B 251 -16.84 -10.46 -26.98
CA ALA B 251 -18.12 -10.04 -27.54
C ALA B 251 -18.42 -8.59 -27.18
N VAL B 252 -18.12 -8.18 -25.95
CA VAL B 252 -18.34 -6.80 -25.55
C VAL B 252 -17.52 -5.85 -26.41
N ILE B 253 -16.29 -6.22 -26.74
CA ILE B 253 -15.45 -5.36 -27.57
C ILE B 253 -16.03 -5.23 -28.97
N ALA B 254 -16.44 -6.35 -29.56
CA ALA B 254 -17.06 -6.31 -30.87
C ALA B 254 -18.33 -5.49 -30.85
N ALA B 255 -19.15 -5.62 -29.80
CA ALA B 255 -20.39 -4.87 -29.75
C ALA B 255 -20.12 -3.37 -29.65
N ALA B 256 -19.15 -2.98 -28.81
CA ALA B 256 -18.79 -1.58 -28.69
C ALA B 256 -18.23 -1.05 -30.01
N ALA B 257 -17.44 -1.86 -30.70
CA ALA B 257 -16.94 -1.46 -32.00
C ALA B 257 -18.09 -1.23 -32.98
N ARG B 258 -19.07 -2.13 -32.98
CA ARG B 258 -20.23 -2.00 -33.86
C ARG B 258 -21.00 -0.72 -33.56
N LEU B 259 -21.23 -0.41 -32.28
CA LEU B 259 -21.94 0.82 -31.94
C LEU B 259 -21.21 2.02 -32.52
N ALA B 260 -19.89 2.05 -32.36
CA ALA B 260 -19.09 3.16 -32.85
C ALA B 260 -19.18 3.26 -34.38
N LEU B 261 -18.98 2.14 -35.07
CA LEU B 261 -18.93 2.14 -36.52
C LEU B 261 -20.28 2.49 -37.13
N GLU B 262 -21.36 1.95 -36.57
CA GLU B 262 -22.70 2.29 -37.04
C GLU B 262 -23.04 3.75 -36.80
N GLY B 263 -22.59 4.30 -35.68
CA GLY B 263 -22.91 5.68 -35.35
C GLY B 263 -22.13 6.68 -36.14
N LEU B 264 -20.98 6.29 -36.69
CA LEU B 264 -20.23 7.12 -37.62
C LEU B 264 -20.89 7.15 -39.01
N GLY B 265 -21.09 5.99 -39.62
N SER C 1 3.65 -0.82 3.25
CA SER C 1 3.58 0.43 4.03
C SER C 1 3.58 1.73 3.18
N THR C 2 4.49 2.06 2.23
CA THR C 2 4.21 3.32 1.53
C THR C 2 2.94 3.21 0.70
N ASN C 3 2.65 2.04 0.12
CA ASN C 3 1.41 1.78 -0.59
C ASN C 3 0.59 0.73 0.16
N LEU C 4 -0.70 0.69 -0.11
CA LEU C 4 -1.60 -0.29 0.51
C LEU C 4 -1.38 -1.69 -0.03
N VAL C 5 -1.26 -2.65 0.89
CA VAL C 5 -0.66 -3.94 0.60
C VAL C 5 -1.17 -5.03 1.55
N ALA C 6 -1.92 -4.62 2.57
CA ALA C 6 -2.15 -5.52 3.70
C ALA C 6 -2.96 -6.76 3.31
N GLU C 7 -4.02 -6.59 2.54
CA GLU C 7 -4.96 -7.69 2.35
C GLU C 7 -4.33 -8.86 1.57
N PRO C 8 -3.58 -8.62 0.50
CA PRO C 8 -2.97 -9.77 -0.19
C PRO C 8 -2.05 -10.58 0.72
N PHE C 9 -1.25 -9.94 1.55
CA PHE C 9 -0.43 -10.66 2.51
C PHE C 9 -1.28 -11.46 3.49
N ALA C 10 -2.40 -10.87 3.95
CA ALA C 10 -3.26 -11.55 4.90
C ALA C 10 -3.90 -12.78 4.29
N LYS C 11 -4.28 -12.69 3.02
CA LYS C 11 -4.85 -13.85 2.34
C LYS C 11 -3.80 -14.96 2.19
N LEU C 12 -2.58 -14.58 1.84
CA LEU C 12 -1.49 -15.54 1.78
C LEU C 12 -1.27 -16.20 3.14
N GLU C 13 -1.32 -15.41 4.21
CA GLU C 13 -1.22 -15.94 5.56
C GLU C 13 -2.34 -16.94 5.85
N GLN C 14 -3.56 -16.61 5.45
CA GLN C 14 -4.68 -17.50 5.70
C GLN C 14 -4.52 -18.81 4.95
N ASP C 15 -4.11 -18.76 3.68
CA ASP C 15 -3.89 -19.98 2.92
C ASP C 15 -2.74 -20.80 3.48
N PHE C 16 -1.67 -20.13 3.90
CA PHE C 16 -0.51 -20.82 4.45
C PHE C 16 -0.83 -21.47 5.78
N GLY C 17 -1.65 -20.85 6.63
CA GLY C 17 -1.88 -21.33 7.96
C GLY C 17 -0.90 -20.85 9.01
N GLY C 18 0.07 -20.02 8.64
CA GLY C 18 0.97 -19.45 9.60
C GLY C 18 1.11 -17.96 9.44
N SER C 19 2.13 -17.39 10.08
CA SER C 19 2.40 -15.97 10.02
C SER C 19 3.52 -15.68 9.03
N ILE C 20 3.41 -14.53 8.40
CA ILE C 20 4.34 -14.06 7.38
C ILE C 20 4.80 -12.66 7.77
N GLY C 21 6.10 -12.44 7.73
CA GLY C 21 6.67 -11.13 7.94
C GLY C 21 7.55 -10.72 6.79
N VAL C 22 7.40 -9.47 6.36
CA VAL C 22 8.00 -8.96 5.14
C VAL C 22 8.43 -7.52 5.36
N TYR C 23 9.66 -7.24 4.99
CA TYR C 23 10.10 -5.87 4.82
C TYR C 23 10.92 -5.77 3.56
N ALA C 24 10.65 -4.74 2.76
CA ALA C 24 11.37 -4.49 1.52
C ALA C 24 11.53 -2.99 1.36
N MET C 25 12.60 -2.62 0.65
CA MET C 25 13.03 -1.23 0.50
C MET C 25 13.58 -1.05 -0.90
N ASP C 26 12.98 -0.13 -1.65
CA ASP C 26 13.52 0.27 -2.94
C ASP C 26 14.57 1.35 -2.68
N THR C 27 15.85 1.01 -2.86
CA THR C 27 16.89 2.00 -2.57
C THR C 27 16.87 3.18 -3.52
N GLY C 28 16.19 3.03 -4.66
CA GLY C 28 16.06 4.15 -5.58
C GLY C 28 15.07 5.20 -5.09
N SER C 29 13.91 4.76 -4.62
CA SER C 29 12.82 5.68 -4.30
C SER C 29 12.64 5.90 -2.81
N GLY C 30 13.18 5.02 -1.98
CA GLY C 30 12.91 5.07 -0.57
C GLY C 30 11.60 4.43 -0.18
N ALA C 31 10.85 3.90 -1.15
CA ALA C 31 9.62 3.20 -0.85
C ALA C 31 9.87 1.90 -0.13
N THR C 32 8.94 1.55 0.76
CA THR C 32 8.97 0.33 1.54
C THR C 32 7.66 -0.43 1.44
N VAL C 33 7.78 -1.73 1.71
CA VAL C 33 6.67 -2.62 1.99
C VAL C 33 6.94 -3.22 3.35
N SER C 34 5.92 -3.26 4.21
CA SER C 34 6.09 -3.65 5.59
C SER C 34 4.84 -4.42 6.04
N TYR C 35 5.02 -5.67 6.42
CA TYR C 35 3.91 -6.49 6.90
C TYR C 35 4.47 -7.35 8.02
N ARG C 36 4.00 -7.12 9.25
CA ARG C 36 4.61 -7.72 10.45
C ARG C 36 6.11 -7.51 10.49
N ALA C 37 6.60 -6.40 9.94
CA ALA C 37 8.04 -6.23 9.79
C ALA C 37 8.78 -6.04 11.11
N GLU C 38 8.05 -5.79 12.21
CA GLU C 38 8.64 -5.58 13.51
C GLU C 38 8.51 -6.78 14.42
N GLU C 39 7.74 -7.79 14.03
CA GLU C 39 7.61 -8.97 14.84
C GLU C 39 8.85 -9.84 14.72
N ARG C 40 9.08 -10.66 15.75
CA ARG C 40 10.22 -11.55 15.77
C ARG C 40 9.91 -12.86 15.07
N PHE C 41 10.86 -13.29 14.22
CA PHE C 41 10.83 -14.61 13.59
C PHE C 41 12.17 -15.29 13.79
N PRO C 42 12.20 -16.61 13.93
CA PRO C 42 13.48 -17.31 14.05
C PRO C 42 14.34 -17.10 12.82
N LEU C 43 15.64 -16.90 13.07
CA LEU C 43 16.60 -16.71 11.98
C LEU C 43 16.83 -17.99 11.18
N CYS C 44 16.79 -19.15 11.84
CA CYS C 44 17.22 -20.41 11.23
C CYS C 44 18.56 -20.14 10.54
N SER C 45 18.83 -20.75 9.39
CA SER C 45 20.15 -20.59 8.77
C SER C 45 20.40 -19.21 8.21
N SER C 46 19.39 -18.32 8.14
CA SER C 46 19.67 -17.01 7.58
C SER C 46 20.74 -16.26 8.36
N PHE C 47 21.03 -16.66 9.60
CA PHE C 47 22.11 -16.01 10.33
C PHE C 47 23.47 -16.19 9.65
N LYS C 48 23.60 -17.21 8.81
CA LYS C 48 24.91 -17.52 8.24
C LYS C 48 25.38 -16.44 7.26
N GLY C 49 24.47 -15.75 6.58
CA GLY C 49 24.86 -14.60 5.79
C GLY C 49 25.57 -13.55 6.63
N PHE C 50 24.96 -13.18 7.76
CA PHE C 50 25.58 -12.18 8.62
C PHE C 50 26.86 -12.71 9.26
N LEU C 51 26.92 -14.01 9.56
CA LEU C 51 28.16 -14.61 10.04
C LEU C 51 29.32 -14.35 9.08
N ALA C 52 29.07 -14.57 7.79
CA ALA C 52 30.08 -14.33 6.77
C ALA C 52 30.47 -12.87 6.72
N ALA C 53 29.49 -11.98 6.89
CA ALA C 53 29.78 -10.55 6.91
C ALA C 53 30.68 -10.21 8.08
N ALA C 54 30.41 -10.80 9.24
CA ALA C 54 31.25 -10.60 10.41
C ALA C 54 32.68 -11.06 10.13
N VAL C 55 32.83 -12.22 9.48
CA VAL C 55 34.15 -12.73 9.13
C VAL C 55 34.90 -11.70 8.28
N LEU C 56 34.25 -11.22 7.23
CA LEU C 56 34.87 -10.21 6.38
C LEU C 56 35.29 -8.98 7.17
N ALA C 57 34.46 -8.53 8.11
CA ALA C 57 34.80 -7.34 8.88
C ALA C 57 36.06 -7.56 9.70
N ARG C 58 36.17 -8.72 10.35
CA ARG C 58 37.38 -9.01 11.10
C ARG C 58 38.58 -9.17 10.19
N SER C 59 38.35 -9.59 8.95
CA SER C 59 39.46 -9.68 8.00
C SER C 59 40.02 -8.32 7.66
N GLN C 60 39.27 -7.24 7.86
CA GLN C 60 39.83 -5.91 7.71
C GLN C 60 40.82 -5.61 8.81
N GLN C 61 40.70 -6.32 9.95
CA GLN C 61 41.58 -6.15 11.10
C GLN C 61 42.61 -7.27 11.24
N GLN C 62 42.53 -8.32 10.41
CA GLN C 62 43.45 -9.45 10.47
C GLN C 62 43.84 -9.79 9.04
N ALA C 63 45.01 -9.33 8.63
CA ALA C 63 45.46 -9.62 7.28
C ALA C 63 45.57 -11.13 7.09
N GLY C 64 45.08 -11.60 5.95
CA GLY C 64 45.17 -13.00 5.60
C GLY C 64 44.16 -13.92 6.25
N LEU C 65 43.36 -13.45 7.21
CA LEU C 65 42.41 -14.31 7.89
C LEU C 65 41.61 -15.18 6.93
N LEU C 66 41.17 -14.61 5.81
CA LEU C 66 40.33 -15.38 4.90
C LEU C 66 41.06 -16.57 4.33
N ASP C 67 42.38 -16.47 4.16
CA ASP C 67 43.18 -17.54 3.59
C ASP C 67 43.65 -18.52 4.64
N THR C 68 43.35 -18.28 5.89
CA THR C 68 43.78 -19.15 6.95
C THR C 68 43.08 -20.50 6.85
N PRO C 69 43.82 -21.61 6.89
CA PRO C 69 43.17 -22.93 6.85
C PRO C 69 42.66 -23.37 8.20
N ILE C 70 41.54 -24.09 8.18
CA ILE C 70 40.92 -24.59 9.39
C ILE C 70 40.82 -26.09 9.30
N ARG C 71 41.52 -26.77 10.19
CA ARG C 71 41.47 -28.23 10.33
C ARG C 71 40.38 -28.65 11.30
N TYR C 72 39.57 -29.63 10.90
CA TYR C 72 38.51 -30.15 11.73
C TYR C 72 38.43 -31.66 11.49
N GLY C 73 37.92 -32.36 12.50
CA GLY C 73 37.61 -33.76 12.40
C GLY C 73 36.12 -34.03 12.27
N LYS C 74 35.79 -35.31 12.31
CA LYS C 74 34.42 -35.75 12.09
C LYS C 74 33.50 -35.30 13.22
N ASN C 75 34.03 -35.07 14.42
CA ASN C 75 33.19 -34.58 15.50
C ASN C 75 32.69 -33.17 15.23
N ALA C 76 33.22 -32.50 14.22
CA ALA C 76 32.70 -31.20 13.84
C ALA C 76 31.49 -31.29 12.95
N LEU C 77 31.21 -32.45 12.38
CA LEU C 77 30.17 -32.57 11.39
C LEU C 77 28.82 -32.68 12.08
N VAL C 78 27.89 -31.82 11.73
CA VAL C 78 26.50 -31.96 12.17
C VAL C 78 25.69 -32.31 10.94
N PRO C 79 24.51 -32.90 11.09
CA PRO C 79 23.70 -33.22 9.92
C PRO C 79 23.52 -31.99 9.03
N TRP C 80 23.39 -32.25 7.74
CA TRP C 80 23.44 -31.26 6.66
C TRP C 80 24.71 -30.40 6.76
N SER C 81 25.82 -31.05 6.41
CA SER C 81 27.11 -30.39 6.27
C SER C 81 27.77 -30.91 5.00
N PRO C 82 27.11 -30.74 3.86
CA PRO C 82 27.59 -31.38 2.63
C PRO C 82 29.00 -31.01 2.24
N ILE C 83 29.37 -29.74 2.40
CA ILE C 83 30.66 -29.25 1.96
C ILE C 83 31.75 -29.60 2.96
N SER C 84 31.48 -29.42 4.24
CA SER C 84 32.42 -29.82 5.26
C SER C 84 32.72 -31.30 5.22
N GLU C 85 31.69 -32.13 5.00
CA GLU C 85 31.88 -33.55 4.80
C GLU C 85 32.81 -33.81 3.62
N LYS C 86 32.57 -33.12 2.49
CA LYS C 86 33.40 -33.27 1.30
C LYS C 86 34.89 -33.01 1.58
N TYR C 87 35.20 -31.90 2.25
CA TYR C 87 36.58 -31.45 2.43
C TYR C 87 37.18 -31.87 3.75
N LEU C 88 36.59 -32.88 4.39
CA LEU C 88 37.12 -33.36 5.65
C LEU C 88 38.60 -33.71 5.56
N THR C 89 39.02 -34.34 4.47
CA THR C 89 40.43 -34.75 4.42
C THR C 89 41.37 -33.57 4.22
N THR C 90 40.91 -32.44 3.71
CA THR C 90 41.80 -31.31 3.51
C THR C 90 41.65 -30.20 4.54
N GLY C 91 40.54 -30.15 5.28
CA GLY C 91 40.13 -28.93 5.93
C GLY C 91 39.68 -27.89 4.91
N MET C 92 39.43 -26.68 5.38
CA MET C 92 39.00 -25.61 4.51
C MET C 92 39.52 -24.28 5.04
N THR C 93 39.67 -23.33 4.13
CA THR C 93 40.01 -21.99 4.57
C THR C 93 38.79 -21.29 5.15
N VAL C 94 39.05 -20.20 5.87
CA VAL C 94 37.97 -19.37 6.40
C VAL C 94 37.05 -18.91 5.28
N ALA C 95 37.63 -18.45 4.17
CA ALA C 95 36.87 -18.04 3.00
C ALA C 95 36.00 -19.17 2.46
N GLU C 96 36.53 -20.39 2.43
CA GLU C 96 35.77 -21.54 1.94
C GLU C 96 34.63 -21.92 2.89
N LEU C 97 34.89 -21.92 4.20
CA LEU C 97 33.83 -22.15 5.17
C LEU C 97 32.73 -21.11 5.04
N SER C 98 33.12 -19.85 4.82
CA SER C 98 32.15 -18.79 4.65
C SER C 98 31.27 -19.04 3.44
N ALA C 99 31.89 -19.41 2.33
CA ALA C 99 31.12 -19.72 1.13
C ALA C 99 30.25 -20.94 1.33
N ALA C 100 30.74 -21.95 2.04
CA ALA C 100 29.92 -23.11 2.33
C ALA C 100 28.69 -22.72 3.16
N ALA C 101 28.88 -21.90 4.19
CA ALA C 101 27.80 -21.55 5.08
C ALA C 101 26.74 -20.72 4.36
N VAL C 102 27.19 -19.74 3.56
CA VAL C 102 26.30 -18.86 2.81
C VAL C 102 25.61 -19.59 1.66
N GLN C 103 26.38 -20.37 0.86
CA GLN C 103 25.87 -20.84 -0.42
C GLN C 103 25.28 -22.24 -0.38
N TYR C 104 25.63 -23.03 0.62
CA TYR C 104 25.04 -24.36 0.83
C TYR C 104 24.39 -24.50 2.19
N SER C 105 24.42 -23.45 3.03
CA SER C 105 23.86 -23.51 4.37
C SER C 105 24.53 -24.59 5.21
N ASP C 106 25.83 -24.79 4.98
CA ASP C 106 26.57 -25.86 5.65
C ASP C 106 26.64 -25.61 7.14
N ASN C 107 26.16 -26.57 7.94
CA ASN C 107 26.00 -26.37 9.38
C ASN C 107 27.34 -26.46 10.12
N ALA C 108 28.13 -27.48 9.82
CA ALA C 108 29.47 -27.57 10.38
C ALA C 108 30.27 -26.32 10.10
N ALA C 109 30.26 -25.84 8.85
CA ALA C 109 31.02 -24.65 8.52
C ALA C 109 30.56 -23.48 9.39
N ALA C 110 29.25 -23.34 9.60
CA ALA C 110 28.74 -22.23 10.39
C ALA C 110 29.26 -22.30 11.81
N ASN C 111 29.23 -23.49 12.40
CA ASN C 111 29.71 -23.64 13.77
C ASN C 111 31.20 -23.36 13.88
N LEU C 112 31.97 -23.71 12.86
CA LEU C 112 33.40 -23.43 12.92
C LEU C 112 33.66 -21.93 12.85
N LEU C 113 32.92 -21.22 12.01
CA LEU C 113 33.09 -19.78 11.93
C LEU C 113 32.60 -19.08 13.20
N LEU C 114 31.50 -19.56 13.79
CA LEU C 114 31.03 -18.99 15.04
C LEU C 114 32.10 -19.07 16.11
N LYS C 115 32.68 -20.26 16.25
CA LYS C 115 33.74 -20.49 17.23
C LYS C 115 34.88 -19.50 17.01
N GLU C 116 35.21 -19.22 15.76
CA GLU C 116 36.30 -18.28 15.51
C GLU C 116 35.90 -16.86 15.85
N LEU C 117 34.61 -16.57 15.93
CA LEU C 117 34.13 -15.23 16.21
C LEU C 117 33.71 -15.02 17.66
N GLY C 118 33.87 -16.01 18.51
CA GLY C 118 33.38 -15.88 19.86
C GLY C 118 31.97 -16.35 20.08
N GLY C 119 31.46 -17.23 19.22
CA GLY C 119 30.17 -17.83 19.45
C GLY C 119 29.00 -16.95 19.08
N PRO C 120 27.78 -17.45 19.31
CA PRO C 120 26.59 -16.64 19.08
C PRO C 120 26.68 -15.25 19.68
N ALA C 121 27.18 -15.13 20.92
CA ALA C 121 27.35 -13.82 21.51
C ALA C 121 28.28 -12.96 20.67
N GLY C 122 29.31 -13.56 20.07
CA GLY C 122 30.19 -12.78 19.22
C GLY C 122 29.50 -12.22 18.00
N LEU C 123 28.70 -13.06 17.33
CA LEU C 123 27.98 -12.54 16.16
C LEU C 123 26.99 -11.46 16.57
N THR C 124 26.26 -11.67 17.65
CA THR C 124 25.34 -10.64 18.13
C THR C 124 26.08 -9.33 18.35
N ALA C 125 27.25 -9.40 18.98
CA ALA C 125 28.03 -8.20 19.22
C ALA C 125 28.37 -7.49 17.92
N PHE C 126 28.68 -8.25 16.86
CA PHE C 126 28.97 -7.61 15.59
C PHE C 126 27.75 -6.91 15.04
N MET C 127 26.60 -7.54 15.12
CA MET C 127 25.38 -6.92 14.61
C MET C 127 25.05 -5.67 15.40
N ARG C 128 25.16 -5.73 16.72
CA ARG C 128 25.06 -4.50 17.51
C ARG C 128 25.96 -3.43 16.93
N SER C 129 27.22 -3.79 16.65
CA SER C 129 28.19 -2.78 16.27
C SER C 129 27.83 -2.08 14.97
N ILE C 130 26.98 -2.67 14.13
CA ILE C 130 26.52 -1.99 12.93
C ILE C 130 25.20 -1.26 13.14
N GLY C 131 24.69 -1.24 14.37
CA GLY C 131 23.47 -0.53 14.65
C GLY C 131 22.21 -1.36 14.59
N ASP C 132 22.33 -2.68 14.65
CA ASP C 132 21.19 -3.59 14.65
C ASP C 132 20.95 -3.99 16.10
N THR C 133 19.85 -3.52 16.68
CA THR C 133 19.53 -3.75 18.08
C THR C 133 18.55 -4.88 18.30
N THR C 134 18.00 -5.45 17.22
CA THR C 134 17.01 -6.52 17.27
C THR C 134 17.62 -7.91 17.14
N PHE C 135 18.56 -8.07 16.22
CA PHE C 135 19.19 -9.36 16.00
C PHE C 135 19.69 -9.94 17.31
N ARG C 136 19.41 -11.22 17.53
CA ARG C 136 20.11 -11.95 18.58
C ARG C 136 20.31 -13.40 18.17
N LEU C 137 21.55 -13.86 18.28
CA LEU C 137 21.86 -15.28 18.18
C LEU C 137 22.35 -15.75 19.53
N ASP C 138 21.83 -16.90 19.93
CA ASP C 138 21.97 -17.39 21.29
C ASP C 138 22.57 -18.78 21.31
N ARG C 139 22.28 -19.59 20.30
CA ARG C 139 22.70 -20.99 20.29
C ARG C 139 23.42 -21.32 18.98
N TRP C 140 23.90 -22.56 18.91
CA TRP C 140 24.64 -23.08 17.77
C TRP C 140 23.76 -24.01 16.93
N GLU C 141 24.24 -24.35 15.75
CA GLU C 141 23.59 -25.41 15.00
C GLU C 141 23.74 -26.69 15.79
N LEU C 142 22.71 -27.55 15.87
CA LEU C 142 21.38 -27.39 15.29
C LEU C 142 20.35 -26.81 16.29
N GLU C 143 20.75 -26.55 17.53
CA GLU C 143 19.76 -26.16 18.55
C GLU C 143 19.06 -24.84 18.20
N LEU C 144 19.72 -23.94 17.49
CA LEU C 144 19.08 -22.68 17.18
C LEU C 144 17.86 -22.82 16.28
N ASN C 145 17.56 -24.05 15.81
CA ASN C 145 16.42 -24.29 14.93
C ASN C 145 15.15 -24.73 15.66
N SER C 146 15.09 -24.71 16.99
CA SER C 146 13.91 -25.23 17.68
C SER C 146 12.66 -24.43 17.37
N ALA C 147 12.80 -23.12 17.15
CA ALA C 147 11.74 -22.28 16.63
C ALA C 147 10.46 -22.38 17.46
N ILE C 148 10.63 -22.33 18.77
CA ILE C 148 9.48 -22.51 19.67
C ILE C 148 8.66 -21.21 19.68
N PRO C 149 7.36 -21.26 19.44
CA PRO C 149 6.57 -20.03 19.43
C PRO C 149 6.80 -19.20 20.69
N GLY C 150 7.06 -17.92 20.49
CA GLY C 150 7.29 -17.02 21.59
C GLY C 150 8.72 -16.98 22.12
N ASP C 151 9.57 -17.91 21.72
CA ASP C 151 10.97 -17.92 22.11
C ASP C 151 11.72 -16.83 21.35
N ALA C 152 12.34 -15.89 22.07
CA ALA C 152 13.09 -14.86 21.38
C ALA C 152 14.52 -15.27 21.07
N ARG C 153 14.99 -16.41 21.56
CA ARG C 153 16.34 -16.85 21.21
C ARG C 153 16.44 -17.06 19.71
N ASP C 154 17.52 -16.55 19.12
CA ASP C 154 17.87 -16.87 17.73
C ASP C 154 16.82 -16.30 16.79
N THR C 155 16.47 -15.04 17.00
CA THR C 155 15.45 -14.36 16.23
C THR C 155 15.95 -12.99 15.82
N SER C 156 15.24 -12.45 14.85
CA SER C 156 15.30 -11.05 14.52
C SER C 156 13.95 -10.65 13.94
N SER C 157 13.89 -9.46 13.34
CA SER C 157 12.71 -8.98 12.67
C SER C 157 13.00 -8.76 11.19
N PRO C 158 11.99 -8.83 10.33
CA PRO C 158 12.23 -8.57 8.91
C PRO C 158 12.80 -7.20 8.62
N ARG C 159 12.38 -6.17 9.35
CA ARG C 159 12.94 -4.85 9.10
C ARG C 159 14.42 -4.81 9.49
N ALA C 160 14.77 -5.37 10.63
CA ALA C 160 16.17 -5.34 11.06
C ALA C 160 17.07 -6.13 10.12
N VAL C 161 16.61 -7.30 9.67
CA VAL C 161 17.35 -8.09 8.68
C VAL C 161 17.62 -7.25 7.44
N THR C 162 16.57 -6.65 6.87
CA THR C 162 16.73 -5.87 5.66
C THR C 162 17.64 -4.68 5.89
N GLU C 163 17.50 -4.01 7.03
CA GLU C 163 18.34 -2.83 7.28
C GLU C 163 19.80 -3.23 7.42
N SER C 164 20.08 -4.32 8.11
CA SER C 164 21.45 -4.77 8.24
C SER C 164 22.01 -5.20 6.89
N LEU C 165 21.21 -5.93 6.11
CA LEU C 165 21.64 -6.39 4.80
C LEU C 165 22.01 -5.21 3.92
N GLN C 166 21.26 -4.13 4.01
CA GLN C 166 21.50 -2.97 3.18
C GLN C 166 22.81 -2.31 3.56
N LYS C 167 23.06 -2.20 4.87
CA LYS C 167 24.31 -1.61 5.37
C LYS C 167 25.51 -2.39 4.89
N LEU C 168 25.46 -3.73 5.00
CA LEU C 168 26.60 -4.59 4.70
C LEU C 168 26.82 -4.73 3.19
N THR C 169 25.78 -4.73 2.38
CA THR C 169 25.91 -4.98 0.95
C THR C 169 25.95 -3.73 0.09
N LEU C 170 25.30 -2.64 0.52
CA LEU C 170 25.25 -1.43 -0.27
C LEU C 170 25.76 -0.21 0.46
N GLY C 171 25.91 -0.27 1.77
CA GLY C 171 26.43 0.83 2.55
C GLY C 171 27.92 0.71 2.76
N SER C 172 28.36 1.22 3.91
CA SER C 172 29.78 1.32 4.21
C SER C 172 30.11 0.63 5.53
N ALA C 173 29.27 -0.31 5.97
CA ALA C 173 29.62 -1.11 7.13
C ALA C 173 30.83 -2.00 6.85
N LEU C 174 31.04 -2.36 5.59
CA LEU C 174 32.18 -3.13 5.14
C LEU C 174 33.03 -2.29 4.21
N ALA C 175 34.35 -2.42 4.34
CA ALA C 175 35.25 -1.87 3.35
C ALA C 175 34.87 -2.38 1.97
N ALA C 176 35.23 -1.61 0.94
CA ALA C 176 34.80 -1.96 -0.41
C ALA C 176 35.21 -3.36 -0.83
N PRO C 177 36.43 -3.83 -0.58
CA PRO C 177 36.75 -5.21 -0.97
C PRO C 177 35.90 -6.24 -0.24
N GLN C 178 35.81 -6.14 1.09
CA GLN C 178 34.96 -7.05 1.84
C GLN C 178 33.51 -6.98 1.34
N ARG C 179 33.03 -5.77 1.06
CA ARG C 179 31.64 -5.63 0.61
C ARG C 179 31.40 -6.37 -0.70
N GLN C 180 32.30 -6.21 -1.66
CA GLN C 180 32.15 -6.91 -2.93
C GLN C 180 32.16 -8.42 -2.72
N GLN C 181 33.05 -8.91 -1.89
CA GLN C 181 33.11 -10.34 -1.62
C GLN C 181 31.83 -10.83 -0.97
N PHE C 182 31.28 -10.05 -0.04
CA PHE C 182 30.02 -10.47 0.59
C PHE C 182 28.92 -10.62 -0.45
N VAL C 183 28.80 -9.64 -1.33
CA VAL C 183 27.80 -9.71 -2.40
C VAL C 183 28.05 -10.91 -3.29
N ASP C 184 29.30 -11.19 -3.62
CA ASP C 184 29.57 -12.29 -4.52
C ASP C 184 29.15 -13.62 -3.90
N TRP C 185 29.41 -13.81 -2.61
CA TRP C 185 28.96 -15.04 -1.95
C TRP C 185 27.45 -15.19 -2.04
N LEU C 186 26.70 -14.12 -1.75
CA LEU C 186 25.24 -14.20 -1.82
C LEU C 186 24.77 -14.47 -3.23
N LYS C 187 25.39 -13.84 -4.23
CA LYS C 187 25.02 -14.11 -5.61
C LYS C 187 25.18 -15.60 -5.94
N GLY C 188 26.12 -16.29 -5.31
CA GLY C 188 26.36 -17.68 -5.63
C GLY C 188 25.61 -18.67 -4.77
N ASN C 189 24.56 -18.23 -4.09
CA ASN C 189 23.82 -19.15 -3.25
C ASN C 189 23.09 -20.17 -4.10
N THR C 190 23.06 -21.40 -3.63
CA THR C 190 22.44 -22.50 -4.35
C THR C 190 21.15 -23.00 -3.73
N THR C 191 20.80 -22.54 -2.53
CA THR C 191 19.65 -23.07 -1.80
C THR C 191 18.37 -22.27 -2.01
N GLY C 192 18.42 -21.18 -2.74
CA GLY C 192 17.29 -20.27 -2.79
C GLY C 192 16.51 -20.19 -4.09
N ASN C 193 16.52 -21.23 -4.93
CA ASN C 193 15.95 -21.10 -6.26
C ASN C 193 14.43 -21.09 -6.23
N HIS C 194 13.82 -21.67 -5.21
CA HIS C 194 12.37 -21.72 -5.10
C HIS C 194 11.78 -20.63 -4.20
N ARG C 195 12.59 -19.66 -3.76
CA ARG C 195 12.09 -18.65 -2.84
C ARG C 195 12.12 -17.28 -3.51
N ILE C 196 12.84 -16.30 -2.96
CA ILE C 196 12.79 -14.99 -3.58
C ILE C 196 13.17 -15.08 -5.06
N ARG C 197 14.26 -15.78 -5.38
CA ARG C 197 14.67 -15.95 -6.77
C ARG C 197 13.53 -16.40 -7.68
N ALA C 198 12.58 -17.17 -7.16
CA ALA C 198 11.47 -17.65 -7.97
C ALA C 198 10.45 -16.58 -8.30
N ALA C 199 10.50 -15.42 -7.64
CA ALA C 199 9.59 -14.33 -7.93
C ALA C 199 10.22 -13.27 -8.81
N VAL C 200 11.48 -13.46 -9.16
CA VAL C 200 12.28 -12.44 -9.82
C VAL C 200 12.58 -12.92 -11.24
N PRO C 201 12.52 -12.05 -12.24
CA PRO C 201 12.91 -12.46 -13.59
C PRO C 201 14.33 -13.04 -13.64
N ALA C 202 14.52 -13.98 -14.56
CA ALA C 202 15.76 -14.72 -14.64
C ALA C 202 16.95 -13.85 -15.01
N ASP C 203 16.74 -12.69 -15.65
CA ASP C 203 17.87 -11.85 -16.04
C ASP C 203 18.35 -10.94 -14.92
N TRP C 204 17.55 -10.68 -13.89
CA TRP C 204 17.98 -9.81 -12.80
C TRP C 204 18.98 -10.52 -11.91
N ALA C 205 19.86 -9.74 -11.29
CA ALA C 205 20.90 -10.29 -10.44
C ALA C 205 20.44 -10.33 -8.98
N VAL C 206 20.65 -11.48 -8.33
CA VAL C 206 20.14 -11.74 -6.99
C VAL C 206 21.27 -12.29 -6.14
N GLY C 207 21.42 -11.75 -4.94
CA GLY C 207 22.09 -12.45 -3.86
C GLY C 207 21.14 -12.72 -2.72
N ASP C 208 21.09 -13.94 -2.17
CA ASP C 208 20.15 -14.25 -1.10
C ASP C 208 20.76 -15.26 -0.16
N LYS C 209 20.13 -15.37 1.01
CA LYS C 209 20.46 -16.37 2.00
C LYS C 209 19.16 -16.89 2.57
N THR C 210 19.00 -18.20 2.55
CA THR C 210 17.80 -18.87 3.01
C THR C 210 17.95 -19.33 4.45
N GLY C 211 16.81 -19.68 5.05
CA GLY C 211 16.76 -20.33 6.33
C GLY C 211 15.62 -21.32 6.41
N THR C 212 15.86 -22.46 7.07
CA THR C 212 14.86 -23.51 7.21
C THR C 212 15.07 -24.23 8.54
N CYS C 213 14.16 -24.00 9.47
CA CYS C 213 14.30 -24.59 10.80
C CYS C 213 13.89 -26.04 10.81
N GLY C 214 12.95 -26.44 9.96
CA GLY C 214 12.46 -27.81 9.94
C GLY C 214 11.32 -28.11 10.89
N VAL C 215 10.79 -27.10 11.60
CA VAL C 215 9.66 -27.28 12.49
C VAL C 215 8.89 -25.98 12.51
N TYR C 216 7.67 -26.05 13.02
CA TYR C 216 6.83 -24.88 13.22
C TYR C 216 6.73 -24.02 11.97
N GLY C 217 6.67 -24.68 10.81
CA GLY C 217 6.56 -24.03 9.51
C GLY C 217 7.46 -22.82 9.33
N THR C 218 8.65 -22.90 9.89
CA THR C 218 9.52 -21.74 10.00
C THR C 218 10.61 -21.84 8.95
N ALA C 219 10.59 -20.88 8.02
CA ALA C 219 11.55 -20.79 6.93
C ALA C 219 11.58 -19.36 6.44
N ASN C 220 12.61 -19.03 5.67
CA ASN C 220 12.82 -17.63 5.33
C ASN C 220 13.81 -17.48 4.17
N ASP C 221 13.97 -16.24 3.75
CA ASP C 221 14.89 -15.83 2.70
C ASP C 221 15.02 -14.32 2.77
N TYR C 222 16.23 -13.83 2.62
CA TYR C 222 16.47 -12.41 2.40
C TYR C 222 17.42 -12.22 1.23
N ALA C 223 17.28 -11.10 0.54
CA ALA C 223 17.95 -10.92 -0.72
C ALA C 223 18.20 -9.44 -0.98
N VAL C 224 19.21 -9.20 -1.81
CA VAL C 224 19.36 -7.96 -2.54
C VAL C 224 19.19 -8.30 -4.01
N VAL C 225 18.44 -7.46 -4.71
CA VAL C 225 17.98 -7.75 -6.06
C VAL C 225 18.32 -6.55 -6.90
N TRP C 226 19.04 -6.77 -8.01
CA TRP C 226 19.41 -5.74 -8.96
C TRP C 226 18.59 -5.90 -10.23
N PRO C 227 17.41 -5.29 -10.32
CA PRO C 227 16.87 -5.01 -11.64
C PRO C 227 17.34 -3.62 -11.97
N THR C 228 17.33 -3.13 -13.21
CA THR C 228 17.49 -3.86 -14.47
C THR C 228 17.95 -2.67 -15.25
N GLY C 229 18.97 -1.99 -14.69
CA GLY C 229 19.27 -0.61 -15.00
C GLY C 229 19.09 0.34 -13.81
N ARG C 230 18.25 -0.04 -12.84
CA ARG C 230 17.82 0.83 -11.75
C ARG C 230 18.25 0.27 -10.39
N ALA C 231 17.91 1.02 -9.34
CA ALA C 231 18.50 0.82 -8.02
C ALA C 231 18.12 -0.55 -7.46
N PRO C 232 18.98 -1.12 -6.62
CA PRO C 232 18.66 -2.42 -6.01
C PRO C 232 17.52 -2.31 -5.01
N ILE C 233 16.99 -3.47 -4.71
CA ILE C 233 15.92 -3.66 -3.74
C ILE C 233 16.41 -4.65 -2.72
N VAL C 234 16.26 -4.31 -1.44
CA VAL C 234 16.60 -5.20 -0.34
C VAL C 234 15.29 -5.68 0.30
N LEU C 235 15.20 -6.98 0.55
CA LEU C 235 13.98 -7.49 1.14
C LEU C 235 14.25 -8.75 1.95
N ALA C 236 13.31 -9.02 2.86
CA ALA C 236 13.35 -10.15 3.77
C ALA C 236 11.94 -10.70 3.88
N VAL C 237 11.85 -12.02 3.87
CA VAL C 237 10.59 -12.74 3.96
C VAL C 237 10.77 -13.88 4.95
N TYR C 238 10.04 -13.83 6.06
CA TYR C 238 10.13 -14.78 7.16
C TYR C 238 8.75 -15.37 7.41
N THR C 239 8.71 -16.65 7.78
CA THR C 239 7.46 -17.31 8.11
C THR C 239 7.62 -18.13 9.37
N ARG C 240 6.50 -18.35 10.04
CA ARG C 240 6.39 -19.30 11.14
C ARG C 240 4.94 -19.76 11.20
N ALA C 241 4.71 -20.80 11.99
CA ALA C 241 3.42 -21.44 12.07
C ALA C 241 3.17 -21.93 13.49
N PRO C 242 1.90 -22.07 13.90
CA PRO C 242 1.60 -22.37 15.30
C PRO C 242 1.87 -23.81 15.75
N ASN C 243 1.88 -24.81 14.86
CA ASN C 243 2.06 -26.19 15.28
C ASN C 243 3.44 -26.72 14.86
N LYS C 244 4.03 -27.53 15.75
CA LYS C 244 5.40 -28.02 15.52
C LYS C 244 5.52 -28.77 14.20
N ASP C 245 4.48 -29.48 13.82
CA ASP C 245 4.45 -30.29 12.62
C ASP C 245 3.91 -29.55 11.40
N ASP C 246 3.54 -28.27 11.53
CA ASP C 246 3.16 -27.49 10.35
C ASP C 246 4.34 -27.42 9.38
N LYS C 247 4.08 -27.67 8.11
CA LYS C 247 5.14 -27.66 7.10
C LYS C 247 5.43 -26.22 6.68
N HIS C 248 6.70 -25.90 6.46
CA HIS C 248 6.99 -24.65 5.79
C HIS C 248 6.65 -24.78 4.32
N SER C 249 6.62 -23.64 3.62
CA SER C 249 6.28 -23.62 2.21
C SER C 249 7.19 -22.66 1.46
N GLU C 250 7.96 -23.19 0.50
CA GLU C 250 8.76 -22.28 -0.33
C GLU C 250 7.88 -21.45 -1.23
N ALA C 251 6.75 -21.99 -1.68
CA ALA C 251 5.86 -21.24 -2.54
C ALA C 251 5.31 -20.01 -1.83
N VAL C 252 5.02 -20.14 -0.54
CA VAL C 252 4.55 -18.98 0.22
C VAL C 252 5.62 -17.89 0.25
N ILE C 253 6.89 -18.27 0.44
CA ILE C 253 7.96 -17.27 0.44
C ILE C 253 8.08 -16.60 -0.91
N ALA C 254 8.03 -17.38 -1.99
CA ALA C 254 8.07 -16.79 -3.32
C ALA C 254 6.90 -15.83 -3.54
N ALA C 255 5.68 -16.26 -3.19
CA ALA C 255 4.52 -15.43 -3.40
C ALA C 255 4.59 -14.13 -2.58
N ALA C 256 5.04 -14.24 -1.33
CA ALA C 256 5.24 -13.06 -0.51
C ALA C 256 6.29 -12.12 -1.09
N ALA C 257 7.38 -12.67 -1.64
CA ALA C 257 8.36 -11.81 -2.30
C ALA C 257 7.76 -11.14 -3.51
N ARG C 258 6.94 -11.86 -4.28
CA ARG C 258 6.28 -11.26 -5.42
C ARG C 258 5.40 -10.09 -4.97
N LEU C 259 4.59 -10.30 -3.93
CA LEU C 259 3.75 -9.21 -3.42
C LEU C 259 4.60 -8.03 -2.97
N ALA C 260 5.70 -8.31 -2.27
CA ALA C 260 6.58 -7.23 -1.85
C ALA C 260 7.08 -6.42 -3.03
N LEU C 261 7.49 -7.09 -4.11
CA LEU C 261 8.02 -6.35 -5.24
C LEU C 261 6.93 -5.56 -5.94
N GLU C 262 5.77 -6.17 -6.13
CA GLU C 262 4.66 -5.42 -6.71
C GLU C 262 4.31 -4.22 -5.84
N GLY C 263 4.35 -4.39 -4.52
CA GLY C 263 3.93 -3.34 -3.62
C GLY C 263 4.83 -2.12 -3.61
N LEU C 264 6.04 -2.23 -4.15
CA LEU C 264 6.94 -1.10 -4.15
C LEU C 264 6.65 -0.08 -5.25
N GLY C 265 5.79 -0.43 -6.21
N GLU D 7 -5.77 -28.98 14.34
CA GLU D 7 -6.33 -29.91 15.29
C GLU D 7 -7.74 -29.40 15.59
N PRO D 8 -8.25 -29.42 16.83
CA PRO D 8 -9.54 -28.73 17.01
C PRO D 8 -9.49 -27.26 16.64
N PHE D 9 -8.41 -26.56 16.99
CA PHE D 9 -8.32 -25.15 16.72
C PHE D 9 -8.25 -24.87 15.22
N ALA D 10 -7.40 -25.62 14.52
CA ALA D 10 -7.29 -25.46 13.08
C ALA D 10 -8.64 -25.65 12.38
N LYS D 11 -9.40 -26.66 12.77
CA LYS D 11 -10.71 -26.85 12.15
C LYS D 11 -11.63 -25.69 12.48
N LEU D 12 -11.58 -25.22 13.73
CA LEU D 12 -12.42 -24.10 14.14
C LEU D 12 -12.13 -22.85 13.31
N GLU D 13 -10.86 -22.48 13.21
CA GLU D 13 -10.55 -21.21 12.56
C GLU D 13 -10.69 -21.30 11.05
N GLN D 14 -10.54 -22.50 10.49
CA GLN D 14 -10.70 -22.63 9.05
C GLN D 14 -12.17 -22.55 8.65
N ASP D 15 -13.08 -23.05 9.49
CA ASP D 15 -14.51 -22.75 9.29
C ASP D 15 -14.81 -21.27 9.52
N PHE D 16 -14.16 -20.67 10.51
CA PHE D 16 -14.33 -19.23 10.74
C PHE D 16 -13.80 -18.44 9.56
N GLY D 17 -12.71 -18.89 8.97
CA GLY D 17 -12.12 -18.18 7.87
C GLY D 17 -11.04 -17.21 8.28
N GLY D 18 -10.48 -17.38 9.45
CA GLY D 18 -9.42 -16.51 9.89
C GLY D 18 -8.54 -17.22 10.85
N SER D 19 -7.87 -16.45 11.70
CA SER D 19 -6.98 -16.96 12.73
C SER D 19 -7.60 -16.77 14.11
N ILE D 20 -7.38 -17.77 14.97
CA ILE D 20 -7.83 -17.75 16.35
C ILE D 20 -6.61 -17.94 17.23
N GLY D 21 -6.44 -17.04 18.19
CA GLY D 21 -5.32 -17.06 19.09
C GLY D 21 -5.76 -17.26 20.52
N VAL D 22 -5.13 -18.19 21.23
CA VAL D 22 -5.56 -18.57 22.56
C VAL D 22 -4.38 -18.75 23.47
N TYR D 23 -4.59 -18.39 24.73
CA TYR D 23 -3.68 -18.74 25.81
C TYR D 23 -4.48 -18.88 27.08
N ALA D 24 -4.15 -19.89 27.88
CA ALA D 24 -4.93 -20.17 29.07
C ALA D 24 -4.00 -20.82 30.09
N MET D 25 -4.14 -20.41 31.35
CA MET D 25 -3.30 -20.89 32.44
C MET D 25 -4.20 -21.28 33.61
N ASP D 26 -3.95 -22.46 34.17
CA ASP D 26 -4.58 -22.88 35.42
C ASP D 26 -3.64 -22.49 36.55
N THR D 27 -4.09 -21.60 37.42
CA THR D 27 -3.23 -21.16 38.51
C THR D 27 -3.11 -22.21 39.61
N GLY D 28 -3.95 -23.24 39.58
CA GLY D 28 -3.86 -24.30 40.56
C GLY D 28 -2.81 -25.35 40.20
N SER D 29 -2.61 -25.59 38.92
CA SER D 29 -1.77 -26.69 38.45
C SER D 29 -0.58 -26.24 37.65
N GLY D 30 -0.57 -25.01 37.16
CA GLY D 30 0.50 -24.57 36.30
C GLY D 30 0.37 -25.02 34.86
N ALA D 31 -0.65 -25.79 34.53
CA ALA D 31 -0.84 -26.17 33.14
C ALA D 31 -1.19 -24.94 32.31
N THR D 32 -0.78 -24.97 31.05
CA THR D 32 -1.10 -23.92 30.09
C THR D 32 -1.57 -24.55 28.78
N VAL D 33 -2.32 -23.75 28.03
CA VAL D 33 -2.74 -24.04 26.67
C VAL D 33 -2.37 -22.85 25.79
N SER D 34 -1.79 -23.14 24.64
CA SER D 34 -1.31 -22.14 23.69
C SER D 34 -1.76 -22.51 22.30
N TYR D 35 -2.28 -21.54 21.56
CA TYR D 35 -2.47 -21.73 20.12
C TYR D 35 -2.42 -20.35 19.47
N ARG D 36 -1.38 -20.11 18.69
CA ARG D 36 -1.07 -18.77 18.18
C ARG D 36 -0.96 -17.77 19.33
N ALA D 37 -0.45 -18.22 20.47
CA ALA D 37 -0.50 -17.41 21.69
C ALA D 37 0.50 -16.28 21.65
N GLU D 38 1.42 -16.33 20.70
CA GLU D 38 2.47 -15.34 20.59
C GLU D 38 2.27 -14.42 19.39
N GLU D 39 1.25 -14.64 18.57
CA GLU D 39 0.95 -13.78 17.44
C GLU D 39 0.28 -12.48 17.91
N ARG D 40 0.48 -11.43 17.14
CA ARG D 40 -0.16 -10.15 17.40
C ARG D 40 -1.57 -10.14 16.87
N PHE D 41 -2.50 -9.68 17.70
CA PHE D 41 -3.89 -9.46 17.36
C PHE D 41 -4.30 -8.06 17.83
N PRO D 42 -5.23 -7.41 17.11
CA PRO D 42 -5.71 -6.10 17.59
C PRO D 42 -6.39 -6.25 18.95
N LEU D 43 -6.16 -5.26 19.81
CA LEU D 43 -6.80 -5.23 21.13
C LEU D 43 -8.28 -4.89 21.05
N CYS D 44 -8.65 -3.99 20.14
CA CYS D 44 -10.00 -3.43 20.10
C CYS D 44 -10.28 -2.88 21.53
N SER D 45 -11.53 -2.94 21.99
CA SER D 45 -11.90 -2.41 23.30
C SER D 45 -11.31 -3.20 24.46
N SER D 46 -10.64 -4.32 24.22
CA SER D 46 -10.06 -5.05 25.35
C SER D 46 -8.98 -4.25 26.06
N PHE D 47 -8.44 -3.19 25.43
CA PHE D 47 -7.48 -2.35 26.13
C PHE D 47 -8.11 -1.66 27.34
N LYS D 48 -9.44 -1.52 27.34
CA LYS D 48 -10.10 -0.73 28.38
C LYS D 48 -10.01 -1.39 29.77
N GLY D 49 -9.87 -2.71 29.86
CA GLY D 49 -9.60 -3.33 31.15
C GLY D 49 -8.24 -2.94 31.70
N PHE D 50 -7.22 -3.00 30.85
CA PHE D 50 -5.90 -2.55 31.29
C PHE D 50 -5.87 -1.05 31.59
N LEU D 51 -6.67 -0.26 30.88
CA LEU D 51 -6.81 1.16 31.17
C LEU D 51 -7.31 1.36 32.59
N ALA D 52 -8.37 0.65 32.94
CA ALA D 52 -8.92 0.73 34.29
C ALA D 52 -7.87 0.31 35.32
N ALA D 53 -7.09 -0.73 35.01
CA ALA D 53 -6.03 -1.14 35.92
C ALA D 53 -5.00 -0.03 36.11
N ALA D 54 -4.61 0.64 35.03
CA ALA D 54 -3.63 1.71 35.09
C ALA D 54 -4.15 2.88 35.91
N VAL D 55 -5.45 3.19 35.78
CA VAL D 55 -6.09 4.19 36.63
C VAL D 55 -5.98 3.79 38.10
N LEU D 56 -6.30 2.55 38.39
CA LEU D 56 -6.19 2.06 39.76
C LEU D 56 -4.77 2.16 40.28
N ALA D 57 -3.79 1.79 39.45
CA ALA D 57 -2.40 1.94 39.88
C ALA D 57 -2.07 3.38 40.18
N ARG D 58 -2.56 4.31 39.36
CA ARG D 58 -2.28 5.72 39.62
C ARG D 58 -2.90 6.17 40.94
N SER D 59 -4.06 5.62 41.30
CA SER D 59 -4.73 5.98 42.55
C SER D 59 -3.93 5.61 43.79
N GLN D 60 -2.96 4.69 43.69
CA GLN D 60 -2.10 4.38 44.83
C GLN D 60 -1.13 5.51 45.12
N GLN D 61 -0.91 6.39 44.14
CA GLN D 61 0.04 7.47 44.24
C GLN D 61 -0.60 8.86 44.26
N GLN D 62 -1.86 9.01 43.82
CA GLN D 62 -2.51 10.31 43.92
C GLN D 62 -3.88 10.17 44.59
N ALA D 63 -3.96 10.68 45.79
CA ALA D 63 -5.16 10.55 46.60
C ALA D 63 -6.35 11.21 45.92
N GLY D 64 -7.50 10.54 46.00
CA GLY D 64 -8.74 11.08 45.54
C GLY D 64 -9.02 10.86 44.09
N LEU D 65 -8.06 10.31 43.32
CA LEU D 65 -8.22 10.17 41.88
C LEU D 65 -9.54 9.52 41.51
N LEU D 66 -9.86 8.37 42.12
CA LEU D 66 -11.05 7.64 41.68
C LEU D 66 -12.31 8.44 41.95
N ASP D 67 -12.29 9.31 42.95
CA ASP D 67 -13.44 10.10 43.31
C ASP D 67 -13.50 11.44 42.58
N THR D 68 -12.51 11.72 41.73
CA THR D 68 -12.47 13.01 41.04
C THR D 68 -13.58 13.09 40.00
N PRO D 69 -14.48 14.08 40.09
CA PRO D 69 -15.51 14.22 39.06
C PRO D 69 -14.92 14.77 37.78
N ILE D 70 -15.43 14.28 36.65
CA ILE D 70 -15.08 14.80 35.32
C ILE D 70 -16.35 15.34 34.69
N ARG D 71 -16.40 16.65 34.46
CA ARG D 71 -17.56 17.32 33.89
C ARG D 71 -17.34 17.48 32.40
N TYR D 72 -17.45 16.37 31.71
CA TYR D 72 -17.17 16.36 30.29
C TYR D 72 -18.33 17.01 29.55
N GLY D 73 -18.06 17.47 28.33
CA GLY D 73 -19.06 18.07 27.47
C GLY D 73 -19.48 17.15 26.35
N LYS D 74 -20.48 17.63 25.58
CA LYS D 74 -20.99 16.88 24.43
C LYS D 74 -19.87 16.57 23.43
N ASN D 75 -18.87 17.43 23.33
CA ASN D 75 -17.74 17.18 22.44
C ASN D 75 -16.91 15.96 22.84
N ALA D 76 -17.08 15.40 24.03
CA ALA D 76 -16.34 14.21 24.39
C ALA D 76 -17.08 12.94 24.02
N LEU D 77 -18.31 13.04 23.55
CA LEU D 77 -19.10 11.87 23.24
C LEU D 77 -18.71 11.35 21.86
N VAL D 78 -18.28 10.11 21.79
CA VAL D 78 -18.01 9.46 20.50
C VAL D 78 -19.00 8.31 20.38
N PRO D 79 -19.24 7.83 19.17
CA PRO D 79 -20.21 6.74 19.01
C PRO D 79 -19.92 5.58 19.97
N TRP D 80 -20.99 4.92 20.38
CA TRP D 80 -21.05 3.95 21.47
C TRP D 80 -20.37 4.46 22.74
N SER D 81 -21.09 5.39 23.37
CA SER D 81 -20.76 5.88 24.70
C SER D 81 -22.05 5.94 25.50
N PRO D 82 -22.65 4.78 25.74
CA PRO D 82 -24.00 4.76 26.32
C PRO D 82 -24.06 5.35 27.73
N ILE D 83 -23.09 5.03 28.58
CA ILE D 83 -23.12 5.54 29.95
C ILE D 83 -22.74 7.03 29.98
N SER D 84 -21.68 7.42 29.26
CA SER D 84 -21.30 8.82 29.20
C SER D 84 -22.47 9.67 28.71
N GLU D 85 -23.19 9.19 27.69
CA GLU D 85 -24.35 9.91 27.19
C GLU D 85 -25.38 10.10 28.29
N LYS D 86 -25.66 9.03 29.04
CA LYS D 86 -26.73 9.08 30.02
C LYS D 86 -26.40 10.05 31.16
N TYR D 87 -25.14 10.20 31.52
CA TYR D 87 -24.76 10.99 32.69
C TYR D 87 -24.13 12.33 32.30
N LEU D 88 -24.40 12.80 31.08
CA LEU D 88 -23.77 14.01 30.57
C LEU D 88 -24.03 15.21 31.47
N THR D 89 -25.23 15.34 32.00
CA THR D 89 -25.51 16.55 32.78
C THR D 89 -24.83 16.55 34.15
N THR D 90 -24.57 15.38 34.75
CA THR D 90 -23.83 15.36 36.00
C THR D 90 -22.33 15.17 35.80
N GLY D 91 -21.90 14.66 34.66
CA GLY D 91 -20.57 14.10 34.56
C GLY D 91 -20.48 12.81 35.36
N MET D 92 -19.25 12.31 35.48
CA MET D 92 -18.98 11.06 36.19
C MET D 92 -17.63 11.16 36.88
N THR D 93 -17.48 10.43 37.97
CA THR D 93 -16.19 10.34 38.62
C THR D 93 -15.27 9.40 37.83
N VAL D 94 -14.00 9.48 38.13
CA VAL D 94 -13.03 8.62 37.47
C VAL D 94 -13.37 7.14 37.68
N ALA D 95 -13.76 6.76 38.90
CA ALA D 95 -14.16 5.39 39.16
C ALA D 95 -15.36 4.98 38.31
N GLU D 96 -16.33 5.88 38.16
CA GLU D 96 -17.51 5.63 37.34
C GLU D 96 -17.14 5.52 35.87
N LEU D 97 -16.22 6.35 35.42
CA LEU D 97 -15.77 6.23 34.04
C LEU D 97 -15.09 4.89 33.81
N SER D 98 -14.29 4.44 34.78
CA SER D 98 -13.56 3.19 34.65
C SER D 98 -14.52 2.02 34.56
N ALA D 99 -15.50 1.98 35.47
CA ALA D 99 -16.54 0.96 35.41
C ALA D 99 -17.29 0.99 34.10
N ALA D 100 -17.54 2.17 33.54
CA ALA D 100 -18.28 2.26 32.28
C ALA D 100 -17.43 1.71 31.12
N ALA D 101 -16.17 2.08 31.08
CA ALA D 101 -15.24 1.55 30.10
C ALA D 101 -15.18 0.01 30.18
N VAL D 102 -15.04 -0.53 31.39
CA VAL D 102 -14.87 -1.98 31.55
C VAL D 102 -16.17 -2.72 31.28
N GLN D 103 -17.29 -2.24 31.84
CA GLN D 103 -18.50 -3.05 31.89
C GLN D 103 -19.44 -2.78 30.73
N TYR D 104 -19.27 -1.67 30.06
CA TYR D 104 -20.07 -1.36 28.90
C TYR D 104 -19.23 -0.99 27.69
N SER D 105 -17.91 -1.02 27.80
CA SER D 105 -17.05 -0.67 26.69
C SER D 105 -17.29 0.76 26.19
N ASP D 106 -17.68 1.65 27.10
CA ASP D 106 -18.00 3.02 26.76
C ASP D 106 -16.82 3.75 26.14
N ASN D 107 -16.99 4.24 24.91
CA ASN D 107 -15.83 4.78 24.20
C ASN D 107 -15.41 6.12 24.78
N ALA D 108 -16.37 7.00 25.04
CA ALA D 108 -16.04 8.32 25.55
C ALA D 108 -15.33 8.21 26.89
N ALA D 109 -15.82 7.32 27.76
CA ALA D 109 -15.18 7.10 29.05
C ALA D 109 -13.74 6.67 28.87
N ALA D 110 -13.49 5.75 27.94
CA ALA D 110 -12.11 5.32 27.69
C ALA D 110 -11.22 6.50 27.27
N ASN D 111 -11.68 7.34 26.35
CA ASN D 111 -10.82 8.45 25.91
C ASN D 111 -10.58 9.46 27.04
N LEU D 112 -11.58 9.70 27.88
CA LEU D 112 -11.37 10.63 29.00
C LEU D 112 -10.33 10.10 29.96
N LEU D 113 -10.39 8.80 30.25
CA LEU D 113 -9.38 8.16 31.10
C LEU D 113 -8.00 8.15 30.45
N LEU D 114 -7.93 7.84 29.15
CA LEU D 114 -6.65 7.93 28.46
C LEU D 114 -6.03 9.30 28.65
N LYS D 115 -6.84 10.35 28.53
CA LYS D 115 -6.33 11.70 28.74
C LYS D 115 -5.76 11.86 30.14
N GLU D 116 -6.41 11.27 31.13
CA GLU D 116 -5.90 11.38 32.50
C GLU D 116 -4.56 10.69 32.67
N LEU D 117 -4.25 9.70 31.83
CA LEU D 117 -3.04 8.91 31.98
C LEU D 117 -1.92 9.33 31.05
N GLY D 118 -2.13 10.34 30.22
CA GLY D 118 -1.11 10.75 29.28
C GLY D 118 -1.22 10.05 27.94
N GLY D 119 -2.42 9.64 27.56
CA GLY D 119 -2.67 9.10 26.25
C GLY D 119 -2.28 7.64 26.10
N PRO D 120 -2.43 7.10 24.89
CA PRO D 120 -1.96 5.73 24.62
C PRO D 120 -0.55 5.43 25.06
N ALA D 121 0.39 6.38 24.92
CA ALA D 121 1.76 6.13 25.38
C ALA D 121 1.82 5.96 26.90
N GLY D 122 0.98 6.70 27.64
CA GLY D 122 0.94 6.53 29.08
C GLY D 122 0.50 5.14 29.50
N LEU D 123 -0.57 4.63 28.87
CA LEU D 123 -1.01 3.26 29.14
C LEU D 123 0.05 2.24 28.75
N THR D 124 0.71 2.42 27.61
CA THR D 124 1.77 1.49 27.22
C THR D 124 2.89 1.48 28.26
N ALA D 125 3.22 2.66 28.78
CA ALA D 125 4.27 2.77 29.78
C ALA D 125 3.87 2.06 31.07
N PHE D 126 2.59 2.12 31.42
CA PHE D 126 2.13 1.36 32.58
C PHE D 126 2.29 -0.14 32.36
N MET D 127 1.90 -0.63 31.19
CA MET D 127 2.04 -2.05 30.92
C MET D 127 3.51 -2.46 30.95
N ARG D 128 4.40 -1.63 30.40
CA ARG D 128 5.82 -1.94 30.49
C ARG D 128 6.25 -2.07 31.95
N SER D 129 5.75 -1.18 32.81
CA SER D 129 6.17 -1.17 34.21
C SER D 129 5.75 -2.41 34.98
N ILE D 130 4.76 -3.18 34.50
CA ILE D 130 4.41 -4.46 35.13
C ILE D 130 5.04 -5.63 34.38
N GLY D 131 5.94 -5.36 33.45
CA GLY D 131 6.68 -6.40 32.77
C GLY D 131 6.07 -6.86 31.46
N ASP D 132 5.14 -6.11 30.88
CA ASP D 132 4.51 -6.48 29.62
C ASP D 132 5.25 -5.73 28.53
N THR D 133 6.06 -6.43 27.76
CA THR D 133 6.80 -5.83 26.67
C THR D 133 6.14 -6.05 25.32
N THR D 134 4.98 -6.71 25.28
CA THR D 134 4.26 -6.96 24.03
C THR D 134 3.17 -5.93 23.74
N PHE D 135 2.40 -5.57 24.77
CA PHE D 135 1.28 -4.66 24.61
C PHE D 135 1.72 -3.34 24.01
N ARG D 136 0.98 -2.85 23.02
CA ARG D 136 1.12 -1.45 22.66
C ARG D 136 -0.22 -0.86 22.31
N LEU D 137 -0.47 0.33 22.88
CA LEU D 137 -1.54 1.19 22.45
C LEU D 137 -0.95 2.45 21.82
N ASP D 138 -1.44 2.78 20.66
CA ASP D 138 -0.91 3.84 19.84
C ASP D 138 -1.91 4.95 19.55
N ARG D 139 -3.20 4.63 19.47
CA ARG D 139 -4.24 5.56 19.03
C ARG D 139 -5.39 5.54 20.03
N TRP D 140 -6.41 6.32 19.73
CA TRP D 140 -7.54 6.62 20.59
C TRP D 140 -8.78 5.98 19.98
N GLU D 141 -9.86 5.96 20.76
CA GLU D 141 -11.16 5.54 20.20
C GLU D 141 -11.65 6.65 19.24
N LEU D 142 -12.13 6.30 18.05
CA LEU D 142 -12.39 4.97 17.56
C LEU D 142 -11.30 4.45 16.58
N GLU D 143 -10.30 5.30 16.27
CA GLU D 143 -9.27 4.95 15.29
C GLU D 143 -8.62 3.61 15.56
N LEU D 144 -8.45 3.26 16.85
CA LEU D 144 -7.65 2.10 17.23
C LEU D 144 -8.28 0.79 16.78
N ASN D 145 -9.50 0.82 16.24
CA ASN D 145 -10.23 -0.34 15.74
C ASN D 145 -9.97 -0.67 14.27
N SER D 146 -9.05 0.01 13.61
CA SER D 146 -8.90 -0.22 12.17
C SER D 146 -8.48 -1.66 11.87
N ALA D 147 -7.69 -2.28 12.77
CA ALA D 147 -7.44 -3.72 12.73
C ALA D 147 -6.85 -4.15 11.37
N ILE D 148 -6.03 -3.31 10.78
CA ILE D 148 -5.47 -3.64 9.46
C ILE D 148 -4.52 -4.84 9.60
N PRO D 149 -4.69 -5.90 8.80
CA PRO D 149 -3.80 -7.06 8.95
C PRO D 149 -2.34 -6.68 8.88
N GLY D 150 -1.57 -7.15 9.85
CA GLY D 150 -0.13 -6.93 9.86
C GLY D 150 0.32 -5.66 10.53
N ASP D 151 -0.60 -4.77 10.89
CA ASP D 151 -0.30 -3.52 11.57
C ASP D 151 -0.13 -3.82 13.05
N ALA D 152 1.00 -3.41 13.62
CA ALA D 152 1.27 -3.65 15.03
C ALA D 152 0.60 -2.63 15.97
N ARG D 153 0.07 -1.53 15.45
CA ARG D 153 -0.54 -0.53 16.31
C ARG D 153 -1.72 -1.15 17.04
N ASP D 154 -1.80 -0.86 18.34
CA ASP D 154 -2.95 -1.23 19.16
C ASP D 154 -3.15 -2.75 19.15
N THR D 155 -2.06 -3.47 19.40
CA THR D 155 -2.07 -4.91 19.45
C THR D 155 -1.37 -5.42 20.71
N SER D 156 -1.63 -6.69 20.99
CA SER D 156 -0.85 -7.49 21.92
C SER D 156 -1.02 -8.95 21.50
N SER D 157 -0.58 -9.88 22.36
CA SER D 157 -0.69 -11.30 22.10
C SER D 157 -1.57 -11.97 23.14
N PRO D 158 -2.17 -13.11 22.82
CA PRO D 158 -3.00 -13.77 23.83
C PRO D 158 -2.24 -14.09 25.09
N ARG D 159 -0.95 -14.44 25.01
CA ARG D 159 -0.21 -14.76 26.21
C ARG D 159 0.13 -13.51 27.02
N ALA D 160 0.54 -12.42 26.37
CA ALA D 160 0.86 -11.21 27.11
C ALA D 160 -0.38 -10.66 27.82
N VAL D 161 -1.53 -10.71 27.15
CA VAL D 161 -2.80 -10.30 27.75
C VAL D 161 -3.09 -11.16 28.98
N THR D 162 -2.97 -12.48 28.83
CA THR D 162 -3.28 -13.36 29.95
C THR D 162 -2.34 -13.15 31.12
N GLU D 163 -1.05 -13.02 30.85
CA GLU D 163 -0.07 -12.82 31.92
C GLU D 163 -0.29 -11.48 32.62
N SER D 164 -0.60 -10.44 31.86
CA SER D 164 -0.80 -9.14 32.48
C SER D 164 -2.07 -9.14 33.30
N LEU D 165 -3.13 -9.74 32.78
CA LEU D 165 -4.38 -9.86 33.52
C LEU D 165 -4.18 -10.59 34.84
N GLN D 166 -3.46 -11.71 34.82
CA GLN D 166 -3.19 -12.46 36.05
C GLN D 166 -2.42 -11.63 37.05
N LYS D 167 -1.40 -10.90 36.60
CA LYS D 167 -0.61 -10.09 37.51
C LYS D 167 -1.47 -9.04 38.20
N LEU D 168 -2.42 -8.47 37.48
CA LEU D 168 -3.20 -7.35 37.97
C LEU D 168 -4.34 -7.81 38.88
N THR D 169 -4.93 -8.96 38.60
CA THR D 169 -6.10 -9.45 39.32
C THR D 169 -5.75 -10.41 40.44
N LEU D 170 -4.78 -11.30 40.23
CA LEU D 170 -4.44 -12.37 41.16
C LEU D 170 -3.05 -12.26 41.70
N GLY D 171 -2.18 -11.53 41.05
CA GLY D 171 -0.81 -11.38 41.51
C GLY D 171 -0.69 -10.24 42.49
N SER D 172 0.36 -9.45 42.32
CA SER D 172 0.64 -8.34 43.22
C SER D 172 1.04 -7.06 42.45
N ALA D 173 0.65 -6.95 41.17
CA ALA D 173 0.95 -5.73 40.43
C ALA D 173 0.16 -4.52 40.95
N LEU D 174 -1.05 -4.73 41.44
CA LEU D 174 -1.82 -3.70 42.13
C LEU D 174 -1.88 -3.98 43.64
N ALA D 175 -1.92 -2.92 44.43
CA ALA D 175 -2.17 -3.03 45.87
C ALA D 175 -3.51 -3.72 46.10
N ALA D 176 -3.63 -4.33 47.28
CA ALA D 176 -4.77 -5.22 47.52
C ALA D 176 -6.13 -4.55 47.34
N PRO D 177 -6.38 -3.33 47.83
CA PRO D 177 -7.71 -2.73 47.61
C PRO D 177 -7.97 -2.47 46.13
N GLN D 178 -6.99 -1.94 45.43
CA GLN D 178 -7.12 -1.68 44.00
C GLN D 178 -7.36 -2.97 43.23
N ARG D 179 -6.66 -4.04 43.61
CA ARG D 179 -6.80 -5.35 42.99
C ARG D 179 -8.24 -5.87 43.09
N GLN D 180 -8.82 -5.81 44.28
CA GLN D 180 -10.19 -6.26 44.48
C GLN D 180 -11.15 -5.40 43.67
N GLN D 181 -10.91 -4.11 43.60
CA GLN D 181 -11.76 -3.24 42.80
C GLN D 181 -11.70 -3.61 41.32
N PHE D 182 -10.51 -3.89 40.80
CA PHE D 182 -10.38 -4.32 39.40
C PHE D 182 -11.21 -5.58 39.15
N VAL D 183 -11.07 -6.56 40.04
CA VAL D 183 -11.81 -7.82 39.94
C VAL D 183 -13.31 -7.55 39.95
N ASP D 184 -13.76 -6.69 40.88
CA ASP D 184 -15.17 -6.34 40.93
C ASP D 184 -15.64 -5.78 39.60
N TRP D 185 -14.89 -4.85 39.03
CA TRP D 185 -15.31 -4.28 37.75
C TRP D 185 -15.42 -5.35 36.67
N LEU D 186 -14.41 -6.19 36.56
CA LEU D 186 -14.48 -7.27 35.57
C LEU D 186 -15.66 -8.20 35.82
N LYS D 187 -15.92 -8.58 37.08
CA LYS D 187 -17.03 -9.49 37.36
C LYS D 187 -18.38 -8.88 36.97
N GLY D 188 -18.48 -7.56 36.95
CA GLY D 188 -19.69 -6.90 36.53
C GLY D 188 -19.83 -6.59 35.06
N ASN D 189 -18.96 -7.10 34.20
CA ASN D 189 -19.09 -6.81 32.79
C ASN D 189 -20.43 -7.29 32.23
N THR D 190 -21.01 -6.49 31.34
CA THR D 190 -22.29 -6.82 30.71
C THR D 190 -22.19 -7.21 29.24
N THR D 191 -21.03 -7.10 28.61
CA THR D 191 -20.90 -7.28 27.19
C THR D 191 -20.43 -8.67 26.78
N GLY D 192 -20.13 -9.55 27.73
CA GLY D 192 -19.45 -10.81 27.44
C GLY D 192 -20.26 -12.09 27.50
N ASN D 193 -21.59 -12.01 27.55
CA ASN D 193 -22.39 -13.20 27.84
C ASN D 193 -22.28 -14.27 26.77
N HIS D 194 -21.94 -13.90 25.53
CA HIS D 194 -21.84 -14.86 24.43
C HIS D 194 -20.43 -15.29 24.12
N ARG D 195 -19.46 -14.90 24.94
CA ARG D 195 -18.08 -15.24 24.67
C ARG D 195 -17.57 -16.20 25.74
N ILE D 196 -16.51 -15.86 26.47
CA ILE D 196 -15.95 -16.82 27.43
C ILE D 196 -17.01 -17.29 28.42
N ARG D 197 -17.91 -16.38 28.84
CA ARG D 197 -18.93 -16.73 29.82
C ARG D 197 -19.80 -17.89 29.32
N ALA D 198 -20.11 -17.91 28.02
CA ALA D 198 -20.91 -18.96 27.42
C ALA D 198 -20.17 -20.30 27.32
N ALA D 199 -18.90 -20.36 27.67
CA ALA D 199 -18.18 -21.62 27.67
C ALA D 199 -17.99 -22.22 29.05
N VAL D 200 -18.33 -21.50 30.12
CA VAL D 200 -18.11 -22.04 31.47
C VAL D 200 -19.43 -22.44 32.09
N PRO D 201 -19.41 -23.41 33.01
CA PRO D 201 -20.60 -23.74 33.78
C PRO D 201 -21.17 -22.50 34.47
N ALA D 202 -22.51 -22.45 34.54
CA ALA D 202 -23.18 -21.26 35.04
C ALA D 202 -22.83 -20.95 36.49
N ASP D 203 -22.26 -21.92 37.23
CA ASP D 203 -21.90 -21.74 38.63
C ASP D 203 -20.45 -21.29 38.81
N TRP D 204 -19.68 -21.20 37.74
CA TRP D 204 -18.37 -20.60 37.83
C TRP D 204 -18.49 -19.09 37.73
N ALA D 205 -17.72 -18.39 38.54
CA ALA D 205 -17.71 -16.94 38.48
C ALA D 205 -16.74 -16.50 37.41
N VAL D 206 -17.10 -15.45 36.68
CA VAL D 206 -16.27 -14.90 35.61
C VAL D 206 -16.13 -13.38 35.75
N GLY D 207 -14.93 -12.87 35.57
CA GLY D 207 -14.71 -11.45 35.25
C GLY D 207 -14.05 -11.37 33.89
N ASP D 208 -14.56 -10.54 32.99
CA ASP D 208 -14.02 -10.51 31.64
C ASP D 208 -14.12 -9.11 31.05
N LYS D 209 -13.38 -8.90 29.97
CA LYS D 209 -13.45 -7.71 29.13
C LYS D 209 -13.42 -8.13 27.67
N THR D 210 -14.40 -7.66 26.90
CA THR D 210 -14.50 -7.93 25.48
C THR D 210 -13.83 -6.86 24.62
N GLY D 211 -13.56 -7.23 23.37
CA GLY D 211 -13.18 -6.26 22.35
C GLY D 211 -13.82 -6.61 21.02
N THR D 212 -14.31 -5.61 20.29
CA THR D 212 -14.95 -5.79 18.99
C THR D 212 -14.58 -4.63 18.10
N CYS D 213 -13.76 -4.91 17.08
CA CYS D 213 -13.27 -3.86 16.21
C CYS D 213 -14.29 -3.48 15.13
N GLY D 214 -15.17 -4.40 14.72
CA GLY D 214 -16.12 -4.10 13.66
C GLY D 214 -15.63 -4.35 12.24
N VAL D 215 -14.36 -4.69 12.05
CA VAL D 215 -13.77 -4.96 10.75
C VAL D 215 -12.83 -6.16 10.88
N TYR D 216 -12.54 -6.80 9.74
CA TYR D 216 -11.52 -7.83 9.63
C TYR D 216 -11.74 -8.97 10.62
N GLY D 217 -13.00 -9.32 10.84
CA GLY D 217 -13.39 -10.41 11.72
C GLY D 217 -12.70 -10.38 13.06
N THR D 218 -12.42 -9.17 13.59
CA THR D 218 -11.52 -9.00 14.71
C THR D 218 -12.32 -8.73 15.97
N ALA D 219 -12.21 -9.65 16.94
CA ALA D 219 -12.93 -9.60 18.19
C ALA D 219 -12.24 -10.52 19.18
N ASN D 220 -12.55 -10.31 20.46
CA ASN D 220 -11.78 -10.96 21.51
C ASN D 220 -12.51 -10.87 22.85
N ASP D 221 -11.95 -11.58 23.81
CA ASP D 221 -12.45 -11.62 25.18
C ASP D 221 -11.30 -12.18 26.01
N TYR D 222 -11.08 -11.59 27.16
CA TYR D 222 -10.19 -12.22 28.13
C TYR D 222 -10.87 -12.23 29.50
N ALA D 223 -10.42 -13.13 30.36
CA ALA D 223 -11.22 -13.40 31.55
C ALA D 223 -10.40 -14.07 32.64
N VAL D 224 -10.80 -13.82 33.88
CA VAL D 224 -10.45 -14.66 35.00
C VAL D 224 -11.70 -15.48 35.31
N VAL D 225 -11.51 -16.77 35.56
CA VAL D 225 -12.60 -17.71 35.74
C VAL D 225 -12.34 -18.47 37.03
N TRP D 226 -13.34 -18.48 37.93
CA TRP D 226 -13.20 -19.12 39.23
C TRP D 226 -14.07 -20.37 39.25
N PRO D 227 -13.53 -21.53 38.96
CA PRO D 227 -14.31 -22.76 39.15
C PRO D 227 -14.59 -22.93 40.63
N THR D 228 -15.81 -23.35 40.94
CA THR D 228 -16.22 -23.44 42.33
C THR D 228 -15.24 -24.31 43.12
N GLY D 229 -14.73 -23.74 44.21
CA GLY D 229 -13.82 -24.44 45.09
C GLY D 229 -12.43 -24.69 44.56
N ARG D 230 -12.13 -24.35 43.31
CA ARG D 230 -10.81 -24.58 42.75
C ARG D 230 -10.09 -23.27 42.47
N ALA D 231 -8.82 -23.39 42.12
CA ALA D 231 -8.02 -22.20 41.84
C ALA D 231 -8.44 -21.59 40.50
N PRO D 232 -8.29 -20.29 40.34
CA PRO D 232 -8.80 -19.64 39.13
C PRO D 232 -7.99 -19.98 37.89
N ILE D 233 -8.67 -19.87 36.76
CA ILE D 233 -8.09 -19.95 35.44
C ILE D 233 -8.11 -18.55 34.82
N VAL D 234 -7.04 -18.19 34.12
CA VAL D 234 -6.94 -16.95 33.35
C VAL D 234 -6.74 -17.33 31.88
N LEU D 235 -7.50 -16.70 30.99
CA LEU D 235 -7.37 -17.03 29.58
C LEU D 235 -7.76 -15.85 28.70
N ALA D 236 -7.40 -15.96 27.43
CA ALA D 236 -7.59 -14.90 26.45
C ALA D 236 -7.81 -15.52 25.09
N VAL D 237 -8.79 -15.00 24.37
CA VAL D 237 -9.17 -15.52 23.08
C VAL D 237 -9.31 -14.33 22.12
N TYR D 238 -8.48 -14.30 21.09
CA TYR D 238 -8.44 -13.23 20.09
C TYR D 238 -8.69 -13.82 18.70
N THR D 239 -9.47 -13.12 17.86
CA THR D 239 -9.68 -13.52 16.47
C THR D 239 -9.37 -12.40 15.50
N ARG D 240 -9.07 -12.79 14.27
CA ARG D 240 -8.92 -11.87 13.15
C ARG D 240 -9.14 -12.65 11.86
N ALA D 241 -9.32 -11.90 10.77
CA ALA D 241 -9.62 -12.49 9.47
C ALA D 241 -9.10 -11.57 8.37
N PRO D 242 -8.86 -12.10 7.17
CA PRO D 242 -8.07 -11.36 6.18
C PRO D 242 -8.83 -10.31 5.40
N ASN D 243 -10.15 -10.36 5.33
CA ASN D 243 -10.92 -9.41 4.54
C ASN D 243 -11.62 -8.41 5.45
N LYS D 244 -11.69 -7.16 5.00
CA LYS D 244 -12.25 -6.10 5.83
C LYS D 244 -13.68 -6.40 6.25
N ASP D 245 -14.47 -6.99 5.34
CA ASP D 245 -15.87 -7.28 5.62
C ASP D 245 -16.11 -8.68 6.19
N ASP D 246 -15.08 -9.46 6.45
CA ASP D 246 -15.26 -10.68 7.22
C ASP D 246 -15.83 -10.35 8.59
N LYS D 247 -16.89 -11.05 8.97
CA LYS D 247 -17.61 -10.77 10.22
C LYS D 247 -16.99 -11.54 11.37
N HIS D 248 -16.89 -10.90 12.53
CA HIS D 248 -16.48 -11.62 13.73
C HIS D 248 -17.60 -12.59 14.12
N SER D 249 -17.28 -13.51 15.02
CA SER D 249 -18.28 -14.46 15.53
C SER D 249 -18.04 -14.66 17.02
N GLU D 250 -19.07 -14.33 17.81
CA GLU D 250 -19.02 -14.64 19.24
C GLU D 250 -19.00 -16.14 19.48
N ALA D 251 -19.78 -16.91 18.71
CA ALA D 251 -19.78 -18.36 18.83
C ALA D 251 -18.38 -18.93 18.69
N VAL D 252 -17.60 -18.43 17.74
CA VAL D 252 -16.24 -18.91 17.56
C VAL D 252 -15.41 -18.64 18.80
N ILE D 253 -15.59 -17.46 19.40
CA ILE D 253 -14.86 -17.16 20.63
C ILE D 253 -15.26 -18.11 21.75
N ALA D 254 -16.56 -18.38 21.92
CA ALA D 254 -16.98 -19.30 22.96
C ALA D 254 -16.44 -20.70 22.70
N ALA D 255 -16.48 -21.13 21.45
CA ALA D 255 -15.99 -22.46 21.12
C ALA D 255 -14.50 -22.59 21.41
N ALA D 256 -13.72 -21.57 21.07
CA ALA D 256 -12.28 -21.58 21.33
C ALA D 256 -11.99 -21.55 22.83
N ALA D 257 -12.80 -20.81 23.59
CA ALA D 257 -12.67 -20.84 25.04
C ALA D 257 -12.90 -22.24 25.56
N ARG D 258 -13.94 -22.91 25.06
CA ARG D 258 -14.24 -24.27 25.48
C ARG D 258 -13.03 -25.19 25.26
N LEU D 259 -12.44 -25.12 24.06
CA LEU D 259 -11.25 -25.91 23.77
C LEU D 259 -10.10 -25.58 24.72
N ALA D 260 -9.89 -24.29 24.98
CA ALA D 260 -8.81 -23.92 25.88
C ALA D 260 -9.01 -24.54 27.25
N LEU D 261 -10.23 -24.53 27.76
CA LEU D 261 -10.48 -25.10 29.07
C LEU D 261 -10.28 -26.61 29.06
N GLU D 262 -10.78 -27.28 28.01
CA GLU D 262 -10.55 -28.71 27.86
C GLU D 262 -9.07 -29.03 27.87
N GLY D 263 -8.27 -28.24 27.18
CA GLY D 263 -6.84 -28.47 27.10
C GLY D 263 -6.12 -28.34 28.41
N LEU D 264 -6.73 -27.73 29.41
CA LEU D 264 -6.07 -27.61 30.69
C LEU D 264 -6.25 -28.88 31.51
N GLY D 265 -7.33 -29.60 31.27
C1 BHU E . -15.86 28.08 -8.69
N2 BHU E . -16.89 27.46 -9.48
C3 BHU E . -17.99 28.21 -10.04
O4 BHU E . -18.09 29.39 -9.88
C5 BHU E . -18.96 27.36 -10.87
C6 BHU E . -20.37 27.35 -10.32
S7 BHU E . -20.41 26.35 -8.78
C8 BHU E . -18.88 27.88 -12.31
B9 BHU E . -14.63 27.09 -8.83
O10 BHU E . -13.70 27.31 -9.81
O11 BHU E . -14.80 25.81 -8.40
C1 PEG F . -20.35 51.62 -5.76
O1 PEG F . -19.83 52.70 -5.05
C2 PEG F . -19.28 50.68 -6.33
O2 PEG F . -18.03 51.27 -6.49
C3 PEG F . -16.97 50.40 -6.69
C4 PEG F . -15.70 51.14 -7.10
O4 PEG F . -15.67 51.49 -8.49
C1 PEG G . -11.40 50.59 -14.42
O1 PEG G . -10.98 49.45 -15.11
C2 PEG G . -10.86 50.68 -13.00
O2 PEG G . -11.75 50.10 -12.11
C3 PEG G . -11.35 49.99 -10.77
C4 PEG G . -11.82 51.16 -9.89
O4 PEG G . -13.21 51.31 -9.70
C1 PEG H . -11.83 44.21 -13.35
O1 PEG H . -11.79 44.32 -14.75
C2 PEG H . -11.19 42.94 -12.74
O2 PEG H . -10.13 42.40 -13.47
C3 PEG H . -9.27 41.47 -12.84
C4 PEG H . -9.29 40.16 -13.63
O4 PEG H . -8.63 40.27 -14.84
C1 PEG I . -22.40 36.34 2.65
O1 PEG I . -22.65 37.69 2.39
C2 PEG I . -21.00 36.17 3.25
O2 PEG I . -21.05 36.40 4.63
C3 PEG I . -19.86 36.08 5.29
C4 PEG I . -18.86 37.23 5.16
O4 PEG I . -18.67 37.85 6.39
C1 PEG J . -5.59 22.57 16.08
O1 PEG J . -6.74 23.09 15.45
C2 PEG J . -4.62 22.01 15.04
O2 PEG J . -4.12 23.06 14.26
C3 PEG J . -2.80 22.88 13.84
C4 PEG J . -2.24 24.22 13.36
O4 PEG J . -0.91 24.31 13.73
C1 PEG K . -10.35 16.35 -27.49
O1 PEG K . -10.12 15.46 -28.55
C2 PEG K . -9.07 16.90 -26.84
O2 PEG K . -9.47 17.58 -25.69
C3 PEG K . -9.04 18.91 -25.55
C4 PEG K . -10.24 19.84 -25.62
O4 PEG K . -9.79 21.17 -25.75
C1 PEG L . 5.89 9.08 0.05
O1 PEG L . 6.99 8.24 -0.23
C2 PEG L . 5.95 9.51 1.51
O2 PEG L . 4.85 10.29 1.93
C3 PEG L . 5.11 11.26 2.93
C4 PEG L . 5.92 12.43 2.34
O4 PEG L . 6.19 13.41 3.30
C ACY M . -16.28 25.31 -4.61
O ACY M . -16.80 24.23 -4.30
OXT ACY M . -15.22 25.69 -4.18
CH3 ACY M . -16.92 26.25 -5.59
C ACY N . -24.44 14.61 -3.22
O ACY N . -24.13 14.17 -2.14
OXT ACY N . -24.14 15.75 -3.66
CH3 ACY N . -25.09 13.59 -4.05
C1 BHU O . -0.21 -10.40 -23.32
N2 BHU O . -0.97 -10.95 -22.21
C3 BHU O . -0.57 -12.09 -21.43
O4 BHU O . 0.42 -12.66 -21.67
C5 BHU O . -1.50 -12.50 -20.29
C6 BHU O . -2.17 -13.88 -20.49
S7 BHU O . -3.94 -13.73 -20.94
C8 BHU O . -0.59 -12.40 -19.08
B9 BHU O . -0.51 -8.84 -23.25
O10 BHU O . 0.37 -8.02 -22.58
O11 BHU O . -1.80 -8.47 -23.41
C1 PEG P . -0.40 -21.62 -36.42
O1 PEG P . -1.37 -20.63 -36.58
C2 PEG P . 0.90 -21.24 -37.13
O2 PEG P . 1.72 -20.39 -36.37
C3 PEG P . 2.87 -20.08 -37.10
C4 PEG P . 3.69 -18.98 -36.46
O4 PEG P . 4.49 -18.36 -37.44
C1 PEG Q . -8.13 -18.17 -37.16
O1 PEG Q . -8.38 -17.35 -38.26
C2 PEG Q . -6.86 -17.65 -36.49
O2 PEG Q . -5.86 -17.49 -37.45
C3 PEG Q . -4.56 -17.54 -36.93
C4 PEG Q . -3.99 -18.95 -36.97
O4 PEG Q . -3.28 -19.22 -35.78
C1 PEG R . 19.93 2.57 -45.35
O1 PEG R . 20.07 2.92 -46.69
C2 PEG R . 18.57 2.98 -44.78
O2 PEG R . 18.62 4.32 -44.33
C3 PEG R . 18.94 4.50 -42.98
C4 PEG R . 19.48 5.91 -42.74
O4 PEG R . 20.59 5.81 -41.89
C1 PEG S . 13.68 10.72 -41.31
O1 PEG S . 13.38 10.26 -40.01
C2 PEG S . 12.90 9.95 -42.39
O2 PEG S . 13.59 9.92 -43.62
C3 PEG S . 14.59 8.95 -43.77
C4 PEG S . 15.36 9.10 -45.09
O4 PEG S . 16.63 9.71 -44.93
C ACY T . -3.50 -10.00 -26.85
O ACY T . -4.71 -10.07 -26.84
OXT ACY T . -2.85 -9.57 -27.81
CH3 ACY T . -2.72 -10.52 -25.70
C ACY U . -16.67 -13.56 -25.02
O ACY U . -15.51 -13.86 -24.66
OXT ACY U . -16.98 -13.20 -26.14
CH3 ACY U . -17.74 -13.54 -24.04
C1 BHU V . 19.89 -25.32 8.72
N2 BHU V . 18.70 -26.08 9.00
C3 BHU V . 18.71 -27.49 9.34
O4 BHU V . 19.73 -28.09 9.38
C5 BHU V . 17.35 -28.11 9.64
C6 BHU V . 16.91 -29.11 8.57
S7 BHU V . 16.11 -28.28 7.16
C8 BHU V . 17.48 -28.73 11.02
B9 BHU V . 19.50 -23.86 9.18
O10 BHU V . 19.83 -23.49 10.45
O11 BHU V . 18.38 -23.34 8.62
C1 PEG W . 31.47 -31.86 19.69
O1 PEG W . 31.89 -30.51 19.81
C2 PEG W . 32.49 -32.77 20.37
O2 PEG W . 32.19 -34.14 20.33
C3 PEG W . 33.13 -34.97 21.00
C4 PEG W . 34.41 -35.16 20.19
O4 PEG W . 35.39 -35.96 20.81
C1 PEG X . 38.05 -33.07 18.98
O1 PEG X . 37.45 -34.12 19.74
C2 PEG X . 37.80 -31.71 19.63
O2 PEG X . 37.61 -30.62 18.76
C3 PEG X . 36.39 -29.85 18.83
C4 PEG X . 36.02 -29.31 17.43
O4 PEG X . 34.75 -28.68 17.31
S SO4 Y . 6.29 -25.82 -1.17
O1 SO4 Y . 7.41 -25.81 -0.23
O2 SO4 Y . 5.01 -25.70 -0.50
O3 SO4 Y . 6.45 -24.71 -2.10
O4 SO4 Y . 6.30 -27.10 -1.86
C ACY Z . 18.29 -23.33 4.44
O ACY Z . 17.14 -23.49 4.01
OXT ACY Z . 19.07 -22.46 4.04
CH3 ACY Z . 18.79 -24.20 5.53
C1 BHU AA . -15.28 -0.47 20.73
N2 BHU AA . -15.63 -0.75 19.37
C3 BHU AA . -16.57 0.04 18.62
O4 BHU AA . -17.08 1.01 19.10
C5 BHU AA . -16.74 -0.47 17.19
C6 BHU AA . -18.13 -1.04 16.88
S7 BHU AA . -18.61 -2.41 18.00
C8 BHU AA . -16.32 0.68 16.29
B9 BHU AA . -13.94 -1.32 20.89
O10 BHU AA . -12.74 -0.67 20.72
O11 BHU AA . -14.03 -2.69 20.70
C1 PEG BA . -17.28 -14.96 43.70
O1 PEG BA . -18.28 -15.37 42.81
C2 PEG BA . -15.92 -15.52 43.27
O2 PEG BA . -15.05 -14.44 43.02
C3 PEG BA . -13.84 -14.45 43.71
C4 PEG BA . -13.12 -13.14 43.49
O4 PEG BA . -12.77 -12.51 44.70
C1 PEG CA . -15.91 -0.28 12.61
O1 PEG CA . -16.55 0.16 11.44
C2 PEG CA . -14.40 -0.33 12.40
O2 PEG CA . -13.80 0.92 12.63
C3 PEG CA . -12.46 0.99 12.23
C4 PEG CA . -12.14 2.45 11.90
O4 PEG CA . -12.52 3.18 13.02
S SO4 DA . -22.28 -15.23 16.18
O1 SO4 DA . -23.72 -15.04 16.12
O2 SO4 DA . -21.92 -16.15 17.23
O3 SO4 DA . -21.67 -13.91 16.42
O4 SO4 DA . -21.79 -15.82 14.94
C ACY EA . -16.72 -4.67 22.96
O ACY EA . -16.32 -4.55 24.09
OXT ACY EA . -16.96 -5.77 22.46
CH3 ACY EA . -16.93 -3.39 22.20
C1 PEG FA . 2.92 2.48 42.86
O1 PEG FA . 2.25 2.19 44.06
C2 PEG FA . 2.09 2.30 41.57
O2 PEG FA . 2.38 1.03 40.99
C3 PEG FA . 2.50 0.99 39.59
C4 PEG FA . 3.05 -0.36 39.05
O4 PEG FA . 4.38 -0.62 39.45
#